data_9OKW
# 
_entry.id   9OKW 
# 
_audit_conform.dict_name       mmcif_pdbx.dic 
_audit_conform.dict_version    5.407 
_audit_conform.dict_location   http://mmcif.pdb.org/dictionaries/ascii/mmcif_pdbx.dic 
# 
loop_
_database_2.database_id 
_database_2.database_code 
_database_2.pdbx_database_accession 
_database_2.pdbx_DOI 
PDB   9OKW         pdb_00009okw 10.2210/pdb9okw/pdb 
WWPDB D_1000295005 ?            ?                   
# 
loop_
_pdbx_audit_revision_history.ordinal 
_pdbx_audit_revision_history.data_content_type 
_pdbx_audit_revision_history.major_revision 
_pdbx_audit_revision_history.minor_revision 
_pdbx_audit_revision_history.revision_date 
_pdbx_audit_revision_history.part_number 
1 'Structure model' 1 0 2025-10-22 ? 
2 'Structure model' 1 1 2025-11-26 ? 
# 
_pdbx_audit_revision_details.ordinal             1 
_pdbx_audit_revision_details.revision_ordinal    1 
_pdbx_audit_revision_details.data_content_type   'Structure model' 
_pdbx_audit_revision_details.provider            repository 
_pdbx_audit_revision_details.type                'Initial release' 
_pdbx_audit_revision_details.description         ? 
_pdbx_audit_revision_details.details             ? 
# 
_pdbx_audit_revision_group.ordinal             1 
_pdbx_audit_revision_group.revision_ordinal    2 
_pdbx_audit_revision_group.data_content_type   'Structure model' 
_pdbx_audit_revision_group.group               'Database references' 
# 
loop_
_pdbx_audit_revision_category.ordinal 
_pdbx_audit_revision_category.revision_ordinal 
_pdbx_audit_revision_category.data_content_type 
_pdbx_audit_revision_category.category 
1 2 'Structure model' citation        
2 2 'Structure model' citation_author 
# 
_pdbx_database_status.status_code                     REL 
_pdbx_database_status.status_code_sf                  REL 
_pdbx_database_status.status_code_mr                  ? 
_pdbx_database_status.entry_id                        9OKW 
_pdbx_database_status.recvd_initial_deposition_date   2025-05-11 
_pdbx_database_status.SG_entry                        N 
_pdbx_database_status.deposit_site                    RCSB 
_pdbx_database_status.process_site                    RCSB 
_pdbx_database_status.status_code_cs                  ? 
_pdbx_database_status.status_code_nmr_data            ? 
_pdbx_database_status.methods_development_category    ? 
_pdbx_database_status.pdb_format_compatible           Y 
# 
_pdbx_contact_author.id                 2 
_pdbx_contact_author.email              jwszostak@uchicago.edu 
_pdbx_contact_author.name_first         Jack 
_pdbx_contact_author.name_last          Szostak 
_pdbx_contact_author.name_mi            W 
_pdbx_contact_author.role               'principal investigator/group leader' 
_pdbx_contact_author.identifier_ORCID   0000-0003-4131-1203 
# 
loop_
_audit_author.name 
_audit_author.pdbx_ordinal 
_audit_author.identifier_ORCID 
'Fang, Z.'      1 0000-0001-8679-6633 
'Szostak, J.W.' 2 0000-0003-4131-1203 
# 
loop_
_citation.abstract 
_citation.abstract_id_CAS 
_citation.book_id_ISBN 
_citation.book_publisher 
_citation.book_publisher_city 
_citation.book_title 
_citation.coordinate_linkage 
_citation.country 
_citation.database_id_Medline 
_citation.details 
_citation.id 
_citation.journal_abbrev 
_citation.journal_id_ASTM 
_citation.journal_id_CSD 
_citation.journal_id_ISSN 
_citation.journal_full 
_citation.journal_issue 
_citation.journal_volume 
_citation.language 
_citation.page_first 
_citation.page_last 
_citation.title 
_citation.year 
_citation.database_id_CSD 
_citation.pdbx_database_id_DOI 
_citation.pdbx_database_id_PubMed 
_citation.pdbx_database_id_patent 
_citation.unpublished_flag 
? ? ? ? ? ? ? UK ? ? primary 'Nucleic Acids Res.' NARHAD 0389 1362-4962 ? ? 53 ? ? ? 
;Impact of 2'-deoxyribo-purine substrates on nonenzymatic RNA template-directed primer extension.
;
2025 ? 10.1093/nar/gkaf1228      41261857 ? ? 
? ? ? ? ? ? ? US ? ? 1       Biorxiv              ?      ?    2692-8205 ? ? ?  ? ? ? 
;Impact of 2'-deoxyribo-purine substrates on nonenzymatic RNA template-directed primer extension.
;
2025 ? 10.1101/2025.08.29.673048 40909494 ? ? 
# 
loop_
_citation_author.citation_id 
_citation_author.name 
_citation_author.ordinal 
_citation_author.identifier_ORCID 
primary 'Fang, Z.'      1  0000-0001-8679-6633 
primary 'Acikgoz, O.'   2  ?                   
primary 'Jia, X.'       3  0000-0001-9094-9882 
primary 'Essex, J.'     4  ?                   
primary 'Wen, R.'       5  ?                   
primary 'Szostak, J.W.' 6  0000-0003-4131-1203 
1       'Fang, Z.'      7  0000-0001-8679-6633 
1       'Acikgoz, O.'   8  0009-0001-3296-1637 
1       'Jia, X.'       9  0000-0001-9094-9882 
1       'Essex, J.'     10 0009-0003-6281-4798 
1       'Wen, R.'       11 ?                   
1       'Szostak, J.W.' 12 0000-0003-4131-1203 
# 
loop_
_entity.id 
_entity.type 
_entity.src_method 
_entity.pdbx_description 
_entity.formula_weight 
_entity.pdbx_number_of_molecules 
_entity.pdbx_ec 
_entity.pdbx_mutation 
_entity.pdbx_fragment 
_entity.details 
1 polymer     syn 
;DNA/RNA (5'-R(*A)-D(P*G)-R(P*AP*GP*AP*AP*GP*AP*UP*CP*UP*UP*CP*UP*CP*U)-3')
;
5067.063 1  ? ? ? ? 
2 non-polymer syn 'MAGNESIUM ION'                                                              24.305   2  ? ? ? ? 
3 water       nat water                                                                        18.015   92 ? ? ? ? 
# 
_entity_poly.entity_id                      1 
_entity_poly.type                           'polydeoxyribonucleotide/polyribonucleotide hybrid' 
_entity_poly.nstd_linkage                   no 
_entity_poly.nstd_monomer                   no 
_entity_poly.pdbx_seq_one_letter_code       'A(DG)AGAAGAUCUUCUCU' 
_entity_poly.pdbx_seq_one_letter_code_can   AGAGAAGAUCUUCUCU 
_entity_poly.pdbx_strand_id                 A 
_entity_poly.pdbx_target_identifier         ? 
# 
loop_
_pdbx_entity_nonpoly.entity_id 
_pdbx_entity_nonpoly.name 
_pdbx_entity_nonpoly.comp_id 
2 'MAGNESIUM ION' MG  
3 water           HOH 
# 
loop_
_entity_poly_seq.entity_id 
_entity_poly_seq.num 
_entity_poly_seq.mon_id 
_entity_poly_seq.hetero 
1 1  A  n 
1 2  DG n 
1 3  A  n 
1 4  G  n 
1 5  A  n 
1 6  A  n 
1 7  G  n 
1 8  A  n 
1 9  U  n 
1 10 C  n 
1 11 U  n 
1 12 U  n 
1 13 C  n 
1 14 U  n 
1 15 C  n 
1 16 U  n 
# 
_pdbx_entity_src_syn.entity_id              1 
_pdbx_entity_src_syn.pdbx_src_id            1 
_pdbx_entity_src_syn.pdbx_alt_source_flag   sample 
_pdbx_entity_src_syn.pdbx_beg_seq_num       1 
_pdbx_entity_src_syn.pdbx_end_seq_num       16 
_pdbx_entity_src_syn.organism_scientific    'synthetic construct' 
_pdbx_entity_src_syn.organism_common_name   ? 
_pdbx_entity_src_syn.ncbi_taxonomy_id       32630 
_pdbx_entity_src_syn.details                ? 
# 
loop_
_chem_comp.id 
_chem_comp.type 
_chem_comp.mon_nstd_flag 
_chem_comp.name 
_chem_comp.pdbx_synonyms 
_chem_comp.formula 
_chem_comp.formula_weight 
A   'RNA linking' y "ADENOSINE-5'-MONOPHOSPHATE"         ? 'C10 H14 N5 O7 P' 347.221 
C   'RNA linking' y "CYTIDINE-5'-MONOPHOSPHATE"          ? 'C9 H14 N3 O8 P'  323.197 
DG  'DNA linking' y "2'-DEOXYGUANOSINE-5'-MONOPHOSPHATE" ? 'C10 H14 N5 O7 P' 347.221 
G   'RNA linking' y "GUANOSINE-5'-MONOPHOSPHATE"         ? 'C10 H14 N5 O8 P' 363.221 
HOH non-polymer   . WATER                                ? 'H2 O'            18.015  
MG  non-polymer   . 'MAGNESIUM ION'                      ? 'Mg 2'            24.305  
U   'RNA linking' y "URIDINE-5'-MONOPHOSPHATE"           ? 'C9 H13 N2 O9 P'  324.181 
# 
loop_
_pdbx_poly_seq_scheme.asym_id 
_pdbx_poly_seq_scheme.entity_id 
_pdbx_poly_seq_scheme.seq_id 
_pdbx_poly_seq_scheme.mon_id 
_pdbx_poly_seq_scheme.ndb_seq_num 
_pdbx_poly_seq_scheme.pdb_seq_num 
_pdbx_poly_seq_scheme.auth_seq_num 
_pdbx_poly_seq_scheme.pdb_mon_id 
_pdbx_poly_seq_scheme.auth_mon_id 
_pdbx_poly_seq_scheme.pdb_strand_id 
_pdbx_poly_seq_scheme.pdb_ins_code 
_pdbx_poly_seq_scheme.hetero 
A 1 1  A  1  1  1  A  A  A . n 
A 1 2  DG 2  2  2  DG DG A . n 
A 1 3  A  3  3  3  A  A  A . n 
A 1 4  G  4  4  4  G  G  A . n 
A 1 5  A  5  5  5  A  A  A . n 
A 1 6  A  6  6  6  A  A  A . n 
A 1 7  G  7  7  7  G  G  A . n 
A 1 8  A  8  8  8  A  A  A . n 
A 1 9  U  9  9  9  U  U  A . n 
A 1 10 C  10 10 10 C  C  A . n 
A 1 11 U  11 11 11 U  U  A . n 
A 1 12 U  12 12 12 U  U  A . n 
A 1 13 C  13 13 13 C  C  A . n 
A 1 14 U  14 14 14 U  U  A . n 
A 1 15 C  15 15 15 C  C  A . n 
A 1 16 U  16 16 16 U  U  A . n 
# 
loop_
_pdbx_nonpoly_scheme.asym_id 
_pdbx_nonpoly_scheme.entity_id 
_pdbx_nonpoly_scheme.mon_id 
_pdbx_nonpoly_scheme.ndb_seq_num 
_pdbx_nonpoly_scheme.pdb_seq_num 
_pdbx_nonpoly_scheme.auth_seq_num 
_pdbx_nonpoly_scheme.pdb_mon_id 
_pdbx_nonpoly_scheme.auth_mon_id 
_pdbx_nonpoly_scheme.pdb_strand_id 
_pdbx_nonpoly_scheme.pdb_ins_code 
B 2 MG  1  101 1  MG  MG  A . 
C 2 MG  1  102 2  MG  MG  A . 
D 3 HOH 1  201 90 HOH HOH A . 
D 3 HOH 2  202 81 HOH HOH A . 
D 3 HOH 3  203 28 HOH HOH A . 
D 3 HOH 4  204 60 HOH HOH A . 
D 3 HOH 5  205 34 HOH HOH A . 
D 3 HOH 6  206 91 HOH HOH A . 
D 3 HOH 7  207 78 HOH HOH A . 
D 3 HOH 8  208 65 HOH HOH A . 
D 3 HOH 9  209 59 HOH HOH A . 
D 3 HOH 10 210 53 HOH HOH A . 
D 3 HOH 11 211 17 HOH HOH A . 
D 3 HOH 12 212 48 HOH HOH A . 
D 3 HOH 13 213 82 HOH HOH A . 
D 3 HOH 14 214 19 HOH HOH A . 
D 3 HOH 15 215 62 HOH HOH A . 
D 3 HOH 16 216 36 HOH HOH A . 
D 3 HOH 17 217 75 HOH HOH A . 
D 3 HOH 18 218 22 HOH HOH A . 
D 3 HOH 19 219 29 HOH HOH A . 
D 3 HOH 20 220 76 HOH HOH A . 
D 3 HOH 21 221 64 HOH HOH A . 
D 3 HOH 22 222 45 HOH HOH A . 
D 3 HOH 23 223 21 HOH HOH A . 
D 3 HOH 24 224 37 HOH HOH A . 
D 3 HOH 25 225 23 HOH HOH A . 
D 3 HOH 26 226 74 HOH HOH A . 
D 3 HOH 27 227 3  HOH HOH A . 
D 3 HOH 28 228 26 HOH HOH A . 
D 3 HOH 29 229 41 HOH HOH A . 
D 3 HOH 30 230 8  HOH HOH A . 
D 3 HOH 31 231 35 HOH HOH A . 
D 3 HOH 32 232 15 HOH HOH A . 
D 3 HOH 33 233 86 HOH HOH A . 
D 3 HOH 34 234 1  HOH HOH A . 
D 3 HOH 35 235 56 HOH HOH A . 
D 3 HOH 36 236 18 HOH HOH A . 
D 3 HOH 37 237 4  HOH HOH A . 
D 3 HOH 38 238 67 HOH HOH A . 
D 3 HOH 39 239 12 HOH HOH A . 
D 3 HOH 40 240 11 HOH HOH A . 
D 3 HOH 41 241 57 HOH HOH A . 
D 3 HOH 42 242 7  HOH HOH A . 
D 3 HOH 43 243 2  HOH HOH A . 
D 3 HOH 44 244 13 HOH HOH A . 
D 3 HOH 45 245 31 HOH HOH A . 
D 3 HOH 46 246 85 HOH HOH A . 
D 3 HOH 47 247 25 HOH HOH A . 
D 3 HOH 48 248 61 HOH HOH A . 
D 3 HOH 49 249 87 HOH HOH A . 
D 3 HOH 50 250 42 HOH HOH A . 
D 3 HOH 51 251 80 HOH HOH A . 
D 3 HOH 52 252 68 HOH HOH A . 
D 3 HOH 53 253 46 HOH HOH A . 
D 3 HOH 54 254 9  HOH HOH A . 
D 3 HOH 55 255 27 HOH HOH A . 
D 3 HOH 56 256 63 HOH HOH A . 
D 3 HOH 57 257 6  HOH HOH A . 
D 3 HOH 58 258 16 HOH HOH A . 
D 3 HOH 59 259 92 HOH HOH A . 
D 3 HOH 60 260 71 HOH HOH A . 
D 3 HOH 61 261 14 HOH HOH A . 
D 3 HOH 62 262 73 HOH HOH A . 
D 3 HOH 63 263 30 HOH HOH A . 
D 3 HOH 64 264 24 HOH HOH A . 
D 3 HOH 65 265 44 HOH HOH A . 
D 3 HOH 66 266 47 HOH HOH A . 
D 3 HOH 67 267 20 HOH HOH A . 
D 3 HOH 68 268 66 HOH HOH A . 
D 3 HOH 69 269 83 HOH HOH A . 
D 3 HOH 70 270 93 HOH HOH A . 
D 3 HOH 71 271 88 HOH HOH A . 
D 3 HOH 72 272 39 HOH HOH A . 
D 3 HOH 73 273 32 HOH HOH A . 
D 3 HOH 74 274 43 HOH HOH A . 
D 3 HOH 75 275 72 HOH HOH A . 
D 3 HOH 76 276 58 HOH HOH A . 
D 3 HOH 77 277 89 HOH HOH A . 
D 3 HOH 78 278 54 HOH HOH A . 
D 3 HOH 79 279 49 HOH HOH A . 
D 3 HOH 80 280 79 HOH HOH A . 
D 3 HOH 81 281 40 HOH HOH A . 
D 3 HOH 82 282 84 HOH HOH A . 
D 3 HOH 83 283 55 HOH HOH A . 
D 3 HOH 84 284 33 HOH HOH A . 
D 3 HOH 85 285 69 HOH HOH A . 
D 3 HOH 86 286 77 HOH HOH A . 
D 3 HOH 87 287 10 HOH HOH A . 
D 3 HOH 88 288 50 HOH HOH A . 
D 3 HOH 89 289 70 HOH HOH A . 
D 3 HOH 90 290 38 HOH HOH A . 
D 3 HOH 91 291 52 HOH HOH A . 
D 3 HOH 92 292 51 HOH HOH A . 
# 
loop_
_software.citation_id 
_software.classification 
_software.compiler_name 
_software.compiler_version 
_software.contact_author 
_software.contact_author_email 
_software.date 
_software.description 
_software.dependencies 
_software.hardware 
_software.language 
_software.location 
_software.mods 
_software.name 
_software.os 
_software.os_version 
_software.type 
_software.version 
_software.pdbx_reference_DOI 
_software.pdbx_ordinal 
? refinement       ? ? ? ? ? ? ? ? ? ? ? PHENIX   ? ? ? 1.18.2_3874 ? 1 
? 'data reduction' ? ? ? ? ? ? ? ? ? ? ? HKL-2000 ? ? ? .           ? 2 
? 'data scaling'   ? ? ? ? ? ? ? ? ? ? ? HKL-2000 ? ? ? .           ? 3 
? phasing          ? ? ? ? ? ? ? ? ? ? ? PHASER   ? ? ? .           ? 4 
# 
_cell.angle_alpha                  90.000 
_cell.angle_alpha_esd              ? 
_cell.angle_beta                   90.000 
_cell.angle_beta_esd               ? 
_cell.angle_gamma                  120.000 
_cell.angle_gamma_esd              ? 
_cell.entry_id                     9OKW 
_cell.details                      ? 
_cell.formula_units_Z              ? 
_cell.length_a                     41.258 
_cell.length_a_esd                 ? 
_cell.length_b                     41.258 
_cell.length_b_esd                 ? 
_cell.length_c                     124.595 
_cell.length_c_esd                 ? 
_cell.volume                       183673.960 
_cell.volume_esd                   ? 
_cell.Z_PDB                        18 
_cell.reciprocal_angle_alpha       ? 
_cell.reciprocal_angle_beta        ? 
_cell.reciprocal_angle_gamma       ? 
_cell.reciprocal_angle_alpha_esd   ? 
_cell.reciprocal_angle_beta_esd    ? 
_cell.reciprocal_angle_gamma_esd   ? 
_cell.reciprocal_length_a          ? 
_cell.reciprocal_length_b          ? 
_cell.reciprocal_length_c          ? 
_cell.reciprocal_length_a_esd      ? 
_cell.reciprocal_length_b_esd      ? 
_cell.reciprocal_length_c_esd      ? 
_cell.pdbx_unique_axis             ? 
_cell.pdbx_esd_method              ? 
# 
_symmetry.entry_id                         9OKW 
_symmetry.cell_setting                     ? 
_symmetry.Int_Tables_number                155 
_symmetry.space_group_name_Hall            
;R 3 2"
;
_symmetry.space_group_name_H-M             'H 3 2' 
_symmetry.pdbx_full_space_group_name_H-M   ? 
# 
_exptl.absorpt_coefficient_mu     ? 
_exptl.absorpt_correction_T_max   ? 
_exptl.absorpt_correction_T_min   ? 
_exptl.absorpt_correction_type    ? 
_exptl.absorpt_process_details    ? 
_exptl.entry_id                   9OKW 
_exptl.crystals_number            1 
_exptl.details                    ? 
_exptl.method                     'X-RAY DIFFRACTION' 
_exptl.method_details             ? 
# 
_exptl_crystal.colour                       ? 
_exptl_crystal.density_diffrn               ? 
_exptl_crystal.density_Matthews             2.01 
_exptl_crystal.density_method               ? 
_exptl_crystal.density_percent_sol          38.73 
_exptl_crystal.description                  ? 
_exptl_crystal.F_000                        ? 
_exptl_crystal.id                           1 
_exptl_crystal.preparation                  ? 
_exptl_crystal.size_max                     ? 
_exptl_crystal.size_mid                     ? 
_exptl_crystal.size_min                     ? 
_exptl_crystal.size_rad                     ? 
_exptl_crystal.colour_lustre                ? 
_exptl_crystal.colour_modifier              ? 
_exptl_crystal.colour_primary               ? 
_exptl_crystal.density_meas                 ? 
_exptl_crystal.density_meas_esd             ? 
_exptl_crystal.density_meas_gt              ? 
_exptl_crystal.density_meas_lt              ? 
_exptl_crystal.density_meas_temp            ? 
_exptl_crystal.density_meas_temp_esd        ? 
_exptl_crystal.density_meas_temp_gt         ? 
_exptl_crystal.density_meas_temp_lt         ? 
_exptl_crystal.pdbx_crystal_image_url       ? 
_exptl_crystal.pdbx_crystal_image_format    ? 
_exptl_crystal.pdbx_mosaicity               ? 
_exptl_crystal.pdbx_mosaicity_esd           ? 
_exptl_crystal.pdbx_mosaic_method           ? 
_exptl_crystal.pdbx_mosaic_block_size       ? 
_exptl_crystal.pdbx_mosaic_block_size_esd   ? 
# 
_exptl_crystal_grow.apparatus       ? 
_exptl_crystal_grow.atmosphere      ? 
_exptl_crystal_grow.crystal_id      1 
_exptl_crystal_grow.details         ? 
_exptl_crystal_grow.method          'VAPOR DIFFUSION, SITTING DROP' 
_exptl_crystal_grow.method_ref      ? 
_exptl_crystal_grow.pH              7.0 
_exptl_crystal_grow.pressure        ? 
_exptl_crystal_grow.pressure_esd    ? 
_exptl_crystal_grow.seeding         ? 
_exptl_crystal_grow.seeding_ref     ? 
_exptl_crystal_grow.temp_details    ? 
_exptl_crystal_grow.temp_esd        ? 
_exptl_crystal_grow.time            ? 
_exptl_crystal_grow.pdbx_details    
'25 % v/v Polyethylene glycol monomethyl ether 550, 50 mM HEPES pH 7.0, 10 mM Magnesium chloride' 
_exptl_crystal_grow.pdbx_pH_range   ? 
_exptl_crystal_grow.temp            293 
# 
_diffrn.ambient_environment              ? 
_diffrn.ambient_temp                     99 
_diffrn.ambient_temp_details             ? 
_diffrn.ambient_temp_esd                 ? 
_diffrn.crystal_id                       1 
_diffrn.crystal_support                  ? 
_diffrn.crystal_treatment                ? 
_diffrn.details                          ? 
_diffrn.id                               1 
_diffrn.ambient_pressure                 ? 
_diffrn.ambient_pressure_esd             ? 
_diffrn.ambient_pressure_gt              ? 
_diffrn.ambient_pressure_lt              ? 
_diffrn.ambient_temp_gt                  ? 
_diffrn.ambient_temp_lt                  ? 
_diffrn.pdbx_serial_crystal_experiment   N 
# 
_diffrn_detector.details                      ? 
_diffrn_detector.detector                     PIXEL 
_diffrn_detector.diffrn_id                    1 
_diffrn_detector.type                         'DECTRIS PILATUS3 2M' 
_diffrn_detector.area_resol_mean              ? 
_diffrn_detector.dtime                        ? 
_diffrn_detector.pdbx_frames_total            ? 
_diffrn_detector.pdbx_collection_time_total   ? 
_diffrn_detector.pdbx_collection_date         2024-06-28 
_diffrn_detector.pdbx_frequency               ? 
_diffrn_detector.id                           ? 
_diffrn_detector.number_of_axes               ? 
# 
_diffrn_radiation.collimation                      ? 
_diffrn_radiation.diffrn_id                        1 
_diffrn_radiation.filter_edge                      ? 
_diffrn_radiation.inhomogeneity                    ? 
_diffrn_radiation.monochromator                    ? 
_diffrn_radiation.polarisn_norm                    ? 
_diffrn_radiation.polarisn_ratio                   ? 
_diffrn_radiation.probe                            ? 
_diffrn_radiation.type                             ? 
_diffrn_radiation.xray_symbol                      ? 
_diffrn_radiation.wavelength_id                    1 
_diffrn_radiation.pdbx_monochromatic_or_laue_m_l   M 
_diffrn_radiation.pdbx_wavelength_list             ? 
_diffrn_radiation.pdbx_wavelength                  ? 
_diffrn_radiation.pdbx_diffrn_protocol             'SINGLE WAVELENGTH' 
_diffrn_radiation.pdbx_analyzer                    ? 
_diffrn_radiation.pdbx_scattering_type             x-ray 
# 
_diffrn_radiation_wavelength.id           1 
_diffrn_radiation_wavelength.wavelength   0.97648 
_diffrn_radiation_wavelength.wt           1.0 
# 
_diffrn_source.current                     ? 
_diffrn_source.details                     ? 
_diffrn_source.diffrn_id                   1 
_diffrn_source.power                       ? 
_diffrn_source.size                        ? 
_diffrn_source.source                      SYNCHROTRON 
_diffrn_source.target                      ? 
_diffrn_source.type                        'ALS BEAMLINE 5.0.3' 
_diffrn_source.voltage                     ? 
_diffrn_source.take-off_angle              ? 
_diffrn_source.pdbx_wavelength_list        0.97648 
_diffrn_source.pdbx_wavelength             ? 
_diffrn_source.pdbx_synchrotron_beamline   5.0.3 
_diffrn_source.pdbx_synchrotron_site       ALS 
# 
_reflns.B_iso_Wilson_estimate                          10.00 
_reflns.entry_id                                       9OKW 
_reflns.data_reduction_details                         ? 
_reflns.data_reduction_method                          ? 
_reflns.d_resolution_high                              1.54 
_reflns.d_resolution_low                               50 
_reflns.details                                        ? 
_reflns.limit_h_max                                    ? 
_reflns.limit_h_min                                    ? 
_reflns.limit_k_max                                    ? 
_reflns.limit_k_min                                    ? 
_reflns.limit_l_max                                    ? 
_reflns.limit_l_min                                    ? 
_reflns.number_all                                     ? 
_reflns.number_obs                                     6327 
_reflns.observed_criterion                             ? 
_reflns.observed_criterion_F_max                       ? 
_reflns.observed_criterion_F_min                       ? 
_reflns.observed_criterion_I_max                       ? 
_reflns.observed_criterion_I_min                       ? 
_reflns.observed_criterion_sigma_F                     ? 
_reflns.observed_criterion_sigma_I                     ? 
_reflns.percent_possible_obs                           99.9 
_reflns.R_free_details                                 ? 
_reflns.Rmerge_F_all                                   ? 
_reflns.Rmerge_F_obs                                   ? 
_reflns.Friedel_coverage                               ? 
_reflns.number_gt                                      ? 
_reflns.threshold_expression                           ? 
_reflns.pdbx_redundancy                                8.5 
_reflns.pdbx_netI_over_av_sigmaI                       ? 
_reflns.pdbx_netI_over_sigmaI                          24.5 
_reflns.pdbx_res_netI_over_av_sigmaI_2                 ? 
_reflns.pdbx_res_netI_over_sigmaI_2                    ? 
_reflns.pdbx_chi_squared                               0.947 
_reflns.pdbx_scaling_rejects                           ? 
_reflns.pdbx_d_res_high_opt                            ? 
_reflns.pdbx_d_res_low_opt                             ? 
_reflns.pdbx_d_res_opt_method                          ? 
_reflns.phase_calculation_details                      ? 
_reflns.pdbx_Rrim_I_all                                0.093 
_reflns.pdbx_Rpim_I_all                                0.032 
_reflns.pdbx_d_opt                                     ? 
_reflns.pdbx_number_measured_all                       ? 
_reflns.pdbx_diffrn_id                                 1 
_reflns.pdbx_ordinal                                   1 
_reflns.pdbx_CC_half                                   0.974 
_reflns.pdbx_CC_star                                   0.993 
_reflns.pdbx_R_split                                   ? 
_reflns.pdbx_Rmerge_I_obs                              0.087 
_reflns.pdbx_Rmerge_I_all                              ? 
_reflns.pdbx_Rsym_value                                ? 
_reflns.pdbx_CC_split_method                           ? 
_reflns.pdbx_aniso_diffraction_limit_axis_1_ortho[1]   ? 
_reflns.pdbx_aniso_diffraction_limit_axis_1_ortho[2]   ? 
_reflns.pdbx_aniso_diffraction_limit_axis_1_ortho[3]   ? 
_reflns.pdbx_aniso_diffraction_limit_axis_2_ortho[1]   ? 
_reflns.pdbx_aniso_diffraction_limit_axis_2_ortho[2]   ? 
_reflns.pdbx_aniso_diffraction_limit_axis_2_ortho[3]   ? 
_reflns.pdbx_aniso_diffraction_limit_axis_3_ortho[1]   ? 
_reflns.pdbx_aniso_diffraction_limit_axis_3_ortho[2]   ? 
_reflns.pdbx_aniso_diffraction_limit_axis_3_ortho[3]   ? 
_reflns.pdbx_aniso_diffraction_limit_1                 ? 
_reflns.pdbx_aniso_diffraction_limit_2                 ? 
_reflns.pdbx_aniso_diffraction_limit_3                 ? 
_reflns.pdbx_aniso_B_tensor_eigenvector_1_ortho[1]     ? 
_reflns.pdbx_aniso_B_tensor_eigenvector_1_ortho[2]     ? 
_reflns.pdbx_aniso_B_tensor_eigenvector_1_ortho[3]     ? 
_reflns.pdbx_aniso_B_tensor_eigenvector_2_ortho[1]     ? 
_reflns.pdbx_aniso_B_tensor_eigenvector_2_ortho[2]     ? 
_reflns.pdbx_aniso_B_tensor_eigenvector_2_ortho[3]     ? 
_reflns.pdbx_aniso_B_tensor_eigenvector_3_ortho[1]     ? 
_reflns.pdbx_aniso_B_tensor_eigenvector_3_ortho[2]     ? 
_reflns.pdbx_aniso_B_tensor_eigenvector_3_ortho[3]     ? 
_reflns.pdbx_aniso_B_tensor_eigenvalue_1               ? 
_reflns.pdbx_aniso_B_tensor_eigenvalue_2               ? 
_reflns.pdbx_aniso_B_tensor_eigenvalue_3               ? 
_reflns.pdbx_orthogonalization_convention              ? 
_reflns.pdbx_percent_possible_ellipsoidal              ? 
_reflns.pdbx_percent_possible_spherical                ? 
_reflns.pdbx_percent_possible_ellipsoidal_anomalous    ? 
_reflns.pdbx_percent_possible_spherical_anomalous      ? 
_reflns.pdbx_redundancy_anomalous                      ? 
_reflns.pdbx_CC_half_anomalous                         ? 
_reflns.pdbx_absDiff_over_sigma_anomalous              ? 
_reflns.pdbx_percent_possible_anomalous                ? 
_reflns.pdbx_observed_signal_threshold                 ? 
_reflns.pdbx_signal_type                               ? 
_reflns.pdbx_signal_details                            ? 
_reflns.pdbx_signal_software_id                        ? 
# 
_reflns_shell.d_res_high                                    1.54 
_reflns_shell.d_res_low                                     1.57 
_reflns_shell.meanI_over_sigI_all                           ? 
_reflns_shell.meanI_over_sigI_obs                           3.8 
_reflns_shell.number_measured_all                           ? 
_reflns_shell.number_measured_obs                           ? 
_reflns_shell.number_possible                               ? 
_reflns_shell.number_unique_all                             ? 
_reflns_shell.number_unique_obs                             294 
_reflns_shell.percent_possible_obs                          ? 
_reflns_shell.Rmerge_F_all                                  ? 
_reflns_shell.Rmerge_F_obs                                  ? 
_reflns_shell.meanI_over_sigI_gt                            ? 
_reflns_shell.meanI_over_uI_all                             ? 
_reflns_shell.meanI_over_uI_gt                              ? 
_reflns_shell.number_measured_gt                            ? 
_reflns_shell.number_unique_gt                              ? 
_reflns_shell.percent_possible_gt                           ? 
_reflns_shell.Rmerge_F_gt                                   ? 
_reflns_shell.Rmerge_I_gt                                   ? 
_reflns_shell.pdbx_redundancy                               4.9 
_reflns_shell.pdbx_chi_squared                              0.885 
_reflns_shell.pdbx_netI_over_sigmaI_all                     ? 
_reflns_shell.pdbx_netI_over_sigmaI_obs                     ? 
_reflns_shell.pdbx_Rrim_I_all                               0.373 
_reflns_shell.pdbx_Rpim_I_all                               0.169 
_reflns_shell.pdbx_rejects                                  ? 
_reflns_shell.pdbx_ordinal                                  1 
_reflns_shell.pdbx_diffrn_id                                1 
_reflns_shell.pdbx_CC_half                                  0.982 
_reflns_shell.pdbx_CC_star                                  0.995 
_reflns_shell.pdbx_R_split                                  ? 
_reflns_shell.percent_possible_all                          100 
_reflns_shell.Rmerge_I_all                                  ? 
_reflns_shell.Rmerge_I_obs                                  0.335 
_reflns_shell.pdbx_Rsym_value                               ? 
_reflns_shell.pdbx_percent_possible_ellipsoidal             ? 
_reflns_shell.pdbx_percent_possible_spherical               ? 
_reflns_shell.pdbx_percent_possible_ellipsoidal_anomalous   ? 
_reflns_shell.pdbx_percent_possible_spherical_anomalous     ? 
_reflns_shell.pdbx_redundancy_anomalous                     ? 
_reflns_shell.pdbx_CC_half_anomalous                        ? 
_reflns_shell.pdbx_absDiff_over_sigma_anomalous             ? 
_reflns_shell.pdbx_percent_possible_anomalous               ? 
# 
_refine.aniso_B[1][1]                            ? 
_refine.aniso_B[1][2]                            ? 
_refine.aniso_B[1][3]                            ? 
_refine.aniso_B[2][2]                            ? 
_refine.aniso_B[2][3]                            ? 
_refine.aniso_B[3][3]                            ? 
_refine.B_iso_max                                ? 
_refine.B_iso_mean                               14.82 
_refine.B_iso_min                                ? 
_refine.correlation_coeff_Fo_to_Fc               ? 
_refine.correlation_coeff_Fo_to_Fc_free          ? 
_refine.details                                  ? 
_refine.diff_density_max                         ? 
_refine.diff_density_max_esd                     ? 
_refine.diff_density_min                         ? 
_refine.diff_density_min_esd                     ? 
_refine.diff_density_rms                         ? 
_refine.diff_density_rms_esd                     ? 
_refine.entry_id                                 9OKW 
_refine.pdbx_refine_id                           'X-RAY DIFFRACTION' 
_refine.ls_abs_structure_details                 ? 
_refine.ls_abs_structure_Flack                   ? 
_refine.ls_abs_structure_Flack_esd               ? 
_refine.ls_abs_structure_Rogers                  ? 
_refine.ls_abs_structure_Rogers_esd              ? 
_refine.ls_d_res_high                            1.54 
_refine.ls_d_res_low                             41.53 
_refine.ls_extinction_coef                       ? 
_refine.ls_extinction_coef_esd                   ? 
_refine.ls_extinction_expression                 ? 
_refine.ls_extinction_method                     ? 
_refine.ls_goodness_of_fit_all                   ? 
_refine.ls_goodness_of_fit_all_esd               ? 
_refine.ls_goodness_of_fit_obs                   ? 
_refine.ls_goodness_of_fit_obs_esd               ? 
_refine.ls_hydrogen_treatment                    ? 
_refine.ls_matrix_type                           ? 
_refine.ls_number_constraints                    ? 
_refine.ls_number_parameters                     ? 
_refine.ls_number_reflns_all                     ? 
_refine.ls_number_reflns_obs                     5700 
_refine.ls_number_reflns_R_free                  569 
_refine.ls_number_reflns_R_work                  5131 
_refine.ls_number_restraints                     ? 
_refine.ls_percent_reflns_obs                    90.13 
_refine.ls_percent_reflns_R_free                 9.98 
_refine.ls_R_factor_all                          ? 
_refine.ls_R_factor_obs                          0.2036 
_refine.ls_R_factor_R_free                       0.2480 
_refine.ls_R_factor_R_free_error                 ? 
_refine.ls_R_factor_R_free_error_details         ? 
_refine.ls_R_factor_R_work                       0.1986 
_refine.ls_R_Fsqd_factor_obs                     ? 
_refine.ls_R_I_factor_obs                        ? 
_refine.ls_redundancy_reflns_all                 ? 
_refine.ls_redundancy_reflns_obs                 ? 
_refine.ls_restrained_S_all                      ? 
_refine.ls_restrained_S_obs                      ? 
_refine.ls_shift_over_esd_max                    ? 
_refine.ls_shift_over_esd_mean                   ? 
_refine.ls_structure_factor_coef                 ? 
_refine.ls_weighting_details                     ? 
_refine.ls_weighting_scheme                      ? 
_refine.ls_wR_factor_all                         ? 
_refine.ls_wR_factor_obs                         ? 
_refine.ls_wR_factor_R_free                      ? 
_refine.ls_wR_factor_R_work                      ? 
_refine.occupancy_max                            ? 
_refine.occupancy_min                            ? 
_refine.solvent_model_details                    'FLAT BULK SOLVENT MODEL' 
_refine.solvent_model_param_bsol                 ? 
_refine.solvent_model_param_ksol                 ? 
_refine.correlation_coeff_I_to_Fcsqd_work        ? 
_refine.correlation_coeff_I_to_Fcsqd_free        ? 
_refine.pdbx_R_complete                          ? 
_refine.ls_R_factor_gt                           ? 
_refine.ls_goodness_of_fit_gt                    ? 
_refine.ls_goodness_of_fit_ref                   ? 
_refine.ls_shift_over_su_max                     ? 
_refine.ls_shift_over_su_max_lt                  ? 
_refine.ls_shift_over_su_mean                    ? 
_refine.ls_shift_over_su_mean_lt                 ? 
_refine.pdbx_ls_sigma_I                          ? 
_refine.pdbx_ls_sigma_F                          1.35 
_refine.pdbx_ls_sigma_Fsqd                       ? 
_refine.pdbx_data_cutoff_high_absF               ? 
_refine.pdbx_data_cutoff_high_rms_absF           ? 
_refine.pdbx_data_cutoff_low_absF                ? 
_refine.pdbx_isotropic_thermal_model             ? 
_refine.pdbx_ls_cross_valid_method               'FREE R-VALUE' 
_refine.pdbx_method_to_determine_struct          'MOLECULAR REPLACEMENT' 
_refine.pdbx_starting_model                      ? 
_refine.pdbx_stereochemistry_target_values       'GeoStd + Monomer Library + CDL v1.2' 
_refine.pdbx_R_Free_selection_details            ? 
_refine.pdbx_stereochem_target_val_spec_case     ? 
_refine.pdbx_overall_ESU_R                       ? 
_refine.pdbx_overall_ESU_R_Free                  ? 
_refine.pdbx_solvent_vdw_probe_radii             1.1100 
_refine.pdbx_solvent_ion_probe_radii             ? 
_refine.pdbx_solvent_shrinkage_radii             0.9000 
_refine.pdbx_real_space_R                        ? 
_refine.pdbx_density_correlation                 ? 
_refine.pdbx_pd_number_of_powder_patterns        ? 
_refine.pdbx_pd_number_of_points                 ? 
_refine.pdbx_pd_meas_number_of_points            ? 
_refine.pdbx_pd_proc_ls_prof_R_factor            ? 
_refine.pdbx_pd_proc_ls_prof_wR_factor           ? 
_refine.pdbx_pd_Marquardt_correlation_coeff      ? 
_refine.pdbx_pd_Fsqrd_R_factor                   ? 
_refine.pdbx_pd_ls_matrix_band_width             ? 
_refine.pdbx_overall_phase_error                 26.7992 
_refine.pdbx_overall_SU_R_free_Cruickshank_DPI   ? 
_refine.pdbx_overall_SU_R_free_Blow_DPI          ? 
_refine.pdbx_overall_SU_R_Blow_DPI               ? 
_refine.pdbx_TLS_residual_ADP_flag               ? 
_refine.pdbx_diffrn_id                           1 
_refine.overall_SU_B                             ? 
_refine.overall_SU_ML                            0.1170 
_refine.overall_SU_R_Cruickshank_DPI             ? 
_refine.overall_SU_R_free                        ? 
_refine.overall_FOM_free_R_set                   ? 
_refine.overall_FOM_work_R_set                   ? 
_refine.pdbx_average_fsc_overall                 ? 
_refine.pdbx_average_fsc_work                    ? 
_refine.pdbx_average_fsc_free                    ? 
# 
_refine_hist.pdbx_refine_id                   'X-RAY DIFFRACTION' 
_refine_hist.cycle_id                         LAST 
_refine_hist.details                          ? 
_refine_hist.d_res_high                       1.54 
_refine_hist.d_res_low                        41.53 
_refine_hist.number_atoms_solvent             92 
_refine_hist.number_atoms_total               429 
_refine_hist.number_reflns_all                ? 
_refine_hist.number_reflns_obs                ? 
_refine_hist.number_reflns_R_free             ? 
_refine_hist.number_reflns_R_work             ? 
_refine_hist.R_factor_all                     ? 
_refine_hist.R_factor_obs                     ? 
_refine_hist.R_factor_R_free                  ? 
_refine_hist.R_factor_R_work                  ? 
_refine_hist.pdbx_number_residues_total       ? 
_refine_hist.pdbx_B_iso_mean_ligand           ? 
_refine_hist.pdbx_B_iso_mean_solvent          ? 
_refine_hist.pdbx_number_atoms_protein        0 
_refine_hist.pdbx_number_atoms_nucleic_acid   335 
_refine_hist.pdbx_number_atoms_ligand         2 
_refine_hist.pdbx_number_atoms_lipid          ? 
_refine_hist.pdbx_number_atoms_carb           ? 
_refine_hist.pdbx_pseudo_atom_details         ? 
# 
loop_
_refine_ls_restr.pdbx_refine_id 
_refine_ls_restr.criterion 
_refine_ls_restr.dev_ideal 
_refine_ls_restr.dev_ideal_target 
_refine_ls_restr.number 
_refine_ls_restr.rejects 
_refine_ls_restr.type 
_refine_ls_restr.weight 
_refine_ls_restr.pdbx_Zscore 
_refine_ls_restr.pdbx_restraint_function 
'X-RAY DIFFRACTION' ? 0.0022 ? 374 ? f_bond_d           ? ? ? 
'X-RAY DIFFRACTION' ? 0.4842 ? 580 ? f_angle_d          ? ? ? 
'X-RAY DIFFRACTION' ? 0.0223 ? 78  ? f_chiral_restr     ? ? ? 
'X-RAY DIFFRACTION' ? 0.0031 ? 16  ? f_plane_restr      ? ? ? 
'X-RAY DIFFRACTION' ? 5.9447 ? 186 ? f_dihedral_angle_d ? ? ? 
# 
loop_
_refine_ls_shell.pdbx_refine_id 
_refine_ls_shell.d_res_high 
_refine_ls_shell.d_res_low 
_refine_ls_shell.number_reflns_all 
_refine_ls_shell.number_reflns_obs 
_refine_ls_shell.number_reflns_R_free 
_refine_ls_shell.number_reflns_R_work 
_refine_ls_shell.percent_reflns_obs 
_refine_ls_shell.percent_reflns_R_free 
_refine_ls_shell.R_factor_all 
_refine_ls_shell.R_factor_obs 
_refine_ls_shell.R_factor_R_free_error 
_refine_ls_shell.R_factor_R_work 
_refine_ls_shell.redundancy_reflns_all 
_refine_ls_shell.redundancy_reflns_obs 
_refine_ls_shell.wR_factor_all 
_refine_ls_shell.wR_factor_obs 
_refine_ls_shell.wR_factor_R_free 
_refine_ls_shell.wR_factor_R_work 
_refine_ls_shell.pdbx_R_complete 
_refine_ls_shell.correlation_coeff_Fo_to_Fc 
_refine_ls_shell.correlation_coeff_Fo_to_Fc_free 
_refine_ls_shell.correlation_coeff_I_to_Fcsqd_work 
_refine_ls_shell.correlation_coeff_I_to_Fcsqd_free 
_refine_ls_shell.pdbx_total_number_of_bins_used 
_refine_ls_shell.pdbx_phase_error 
_refine_ls_shell.pdbx_fsc_work 
_refine_ls_shell.pdbx_fsc_free 
_refine_ls_shell.R_factor_R_free 
'X-RAY DIFFRACTION' 1.54 1.70  . . 95  855  61.77 . . . . 0.2354 . . . . . . . . . . . . . . . 0.3034 
'X-RAY DIFFRACTION' 1.70 1.94  . . 152 1381 99.10 . . . . 0.2204 . . . . . . . . . . . . . . . 0.2801 
'X-RAY DIFFRACTION' 1.94 2.45  . . 158 1411 99.68 . . . . 0.2315 . . . . . . . . . . . . . . . 0.2965 
'X-RAY DIFFRACTION' 2.45 41.53 . . 164 1484 99.04 . . . . 0.1687 . . . . . . . . . . . . . . . 0.2027 
# 
_struct.entry_id                     9OKW 
_struct.title                        '16mer self-complementary duplex RNA with dG:C pair sequence 1' 
_struct.pdbx_model_details           ? 
_struct.pdbx_formula_weight          ? 
_struct.pdbx_formula_weight_method   ? 
_struct.pdbx_model_type_details      ? 
_struct.pdbx_CASP_flag               N 
# 
_struct_keywords.entry_id        9OKW 
_struct_keywords.text            'Deoxyribo-purine, RNA duplex, Origin of Life, RNA' 
_struct_keywords.pdbx_keywords   RNA 
# 
loop_
_struct_asym.id 
_struct_asym.pdbx_blank_PDB_chainid_flag 
_struct_asym.pdbx_modified 
_struct_asym.entity_id 
_struct_asym.details 
A N N 1 ? 
B N N 2 ? 
C N N 2 ? 
D N N 3 ? 
# 
_struct_ref.id                         1 
_struct_ref.db_name                    PDB 
_struct_ref.db_code                    9OKW 
_struct_ref.pdbx_db_accession          9OKW 
_struct_ref.pdbx_db_isoform            ? 
_struct_ref.entity_id                  1 
_struct_ref.pdbx_seq_one_letter_code   ? 
_struct_ref.pdbx_align_begin           1 
# 
_struct_ref_seq.align_id                      1 
_struct_ref_seq.ref_id                        1 
_struct_ref_seq.pdbx_PDB_id_code              9OKW 
_struct_ref_seq.pdbx_strand_id                A 
_struct_ref_seq.seq_align_beg                 1 
_struct_ref_seq.pdbx_seq_align_beg_ins_code   ? 
_struct_ref_seq.seq_align_end                 16 
_struct_ref_seq.pdbx_seq_align_end_ins_code   ? 
_struct_ref_seq.pdbx_db_accession             9OKW 
_struct_ref_seq.db_align_beg                  1 
_struct_ref_seq.pdbx_db_align_beg_ins_code    ? 
_struct_ref_seq.db_align_end                  16 
_struct_ref_seq.pdbx_db_align_end_ins_code    ? 
_struct_ref_seq.pdbx_auth_seq_align_beg       1 
_struct_ref_seq.pdbx_auth_seq_align_end       16 
# 
_pdbx_struct_assembly.id                   1 
_pdbx_struct_assembly.details              author_and_software_defined_assembly 
_pdbx_struct_assembly.method_details       PISA 
_pdbx_struct_assembly.oligomeric_details   dimeric 
_pdbx_struct_assembly.oligomeric_count     2 
# 
loop_
_pdbx_struct_assembly_prop.biol_id 
_pdbx_struct_assembly_prop.type 
_pdbx_struct_assembly_prop.value 
_pdbx_struct_assembly_prop.details 
1 'ABSA (A^2)' 1710 ? 
1 MORE         -21  ? 
1 'SSA (A^2)'  5970 ? 
# 
_pdbx_struct_assembly_gen.assembly_id       1 
_pdbx_struct_assembly_gen.oper_expression   1,2 
_pdbx_struct_assembly_gen.asym_id_list      A,B,C,D 
# 
_pdbx_struct_assembly_auth_evidence.id                     1 
_pdbx_struct_assembly_auth_evidence.assembly_id            1 
_pdbx_struct_assembly_auth_evidence.experimental_support   none 
_pdbx_struct_assembly_auth_evidence.details                ? 
# 
loop_
_pdbx_struct_oper_list.id 
_pdbx_struct_oper_list.type 
_pdbx_struct_oper_list.name 
_pdbx_struct_oper_list.symmetry_operation 
_pdbx_struct_oper_list.matrix[1][1] 
_pdbx_struct_oper_list.matrix[1][2] 
_pdbx_struct_oper_list.matrix[1][3] 
_pdbx_struct_oper_list.vector[1] 
_pdbx_struct_oper_list.matrix[2][1] 
_pdbx_struct_oper_list.matrix[2][2] 
_pdbx_struct_oper_list.matrix[2][3] 
_pdbx_struct_oper_list.vector[2] 
_pdbx_struct_oper_list.matrix[3][1] 
_pdbx_struct_oper_list.matrix[3][2] 
_pdbx_struct_oper_list.matrix[3][3] 
_pdbx_struct_oper_list.vector[3] 
1 'identity operation'         1_555 x,y,z  1.0000000000  0.0000000000 0.0000000000  0.0000000000  0.0000000000 1.0000000000  0.0000000000  0.0000000000 0.0000000000  0.0000000000  1.0000000000  0.0000000000 
2 'crystal symmetry operation' 4_555 y,x,-z -0.3828214149 0.7371203029 -0.5568675097 -1.3635134472 0.7371203029 -0.1196286552 -0.6650884482 2.6034207279 -0.5568675097 -0.6650884482 -0.4975499300 1.9349359713 
# 
loop_
_struct_conn.id 
_struct_conn.conn_type_id 
_struct_conn.pdbx_leaving_atom_flag 
_struct_conn.pdbx_PDB_id 
_struct_conn.ptnr1_label_asym_id 
_struct_conn.ptnr1_label_comp_id 
_struct_conn.ptnr1_label_seq_id 
_struct_conn.ptnr1_label_atom_id 
_struct_conn.pdbx_ptnr1_label_alt_id 
_struct_conn.pdbx_ptnr1_PDB_ins_code 
_struct_conn.pdbx_ptnr1_standard_comp_id 
_struct_conn.ptnr1_symmetry 
_struct_conn.ptnr2_label_asym_id 
_struct_conn.ptnr2_label_comp_id 
_struct_conn.ptnr2_label_seq_id 
_struct_conn.ptnr2_label_atom_id 
_struct_conn.pdbx_ptnr2_label_alt_id 
_struct_conn.pdbx_ptnr2_PDB_ins_code 
_struct_conn.ptnr1_auth_asym_id 
_struct_conn.ptnr1_auth_comp_id 
_struct_conn.ptnr1_auth_seq_id 
_struct_conn.ptnr2_auth_asym_id 
_struct_conn.ptnr2_auth_comp_id 
_struct_conn.ptnr2_auth_seq_id 
_struct_conn.ptnr2_symmetry 
_struct_conn.pdbx_ptnr3_label_atom_id 
_struct_conn.pdbx_ptnr3_label_seq_id 
_struct_conn.pdbx_ptnr3_label_comp_id 
_struct_conn.pdbx_ptnr3_label_asym_id 
_struct_conn.pdbx_ptnr3_label_alt_id 
_struct_conn.pdbx_ptnr3_PDB_ins_code 
_struct_conn.details 
_struct_conn.pdbx_dist_value 
_struct_conn.pdbx_value_order 
_struct_conn.pdbx_role 
metalc1  metalc ? ? B MG .  MG ? ? ? 1_555 D HOH .  O  ? ? A MG 101 A HOH 230 1_555 ? ? ? ? ? ? ?            2.126 ? ? 
metalc2  metalc ? ? B MG .  MG ? ? ? 1_555 D HOH .  O  ? ? A MG 101 A HOH 239 1_555 ? ? ? ? ? ? ?            2.082 ? ? 
metalc3  metalc ? ? B MG .  MG ? ? ? 1_555 D HOH .  O  ? ? A MG 101 A HOH 240 1_555 ? ? ? ? ? ? ?            2.155 ? ? 
metalc4  metalc ? ? B MG .  MG ? ? ? 1_555 D HOH .  O  ? ? A MG 101 A HOH 287 1_555 ? ? ? ? ? ? ?            2.010 ? ? 
metalc5  metalc ? ? B MG .  MG ? ? ? 1_555 D HOH .  O  ? ? A MG 101 A HOH 288 1_555 ? ? ? ? ? ? ?            2.121 ? ? 
metalc6  metalc ? ? B MG .  MG ? ? ? 1_555 D HOH .  O  ? ? A MG 101 A HOH 290 1_555 ? ? ? ? ? ? ?            2.335 ? ? 
metalc7  metalc ? ? C MG .  MG ? ? ? 1_555 D HOH .  O  ? ? A MG 102 A HOH 210 1_555 ? ? ? ? ? ? ?            2.143 ? ? 
metalc8  metalc ? ? C MG .  MG ? ? ? 1_555 D HOH .  O  ? ? A MG 102 A HOH 237 1_555 ? ? ? ? ? ? ?            2.095 ? ? 
metalc9  metalc ? ? C MG .  MG ? ? ? 1_555 D HOH .  O  ? ? A MG 102 A HOH 257 1_555 ? ? ? ? ? ? ?            2.224 ? ? 
metalc10 metalc ? ? C MG .  MG ? ? ? 1_555 D HOH .  O  ? ? A MG 102 A HOH 278 1_555 ? ? ? ? ? ? ?            2.540 ? ? 
metalc11 metalc ? ? C MG .  MG ? ? ? 1_555 D HOH .  O  ? ? A MG 102 A HOH 283 1_555 ? ? ? ? ? ? ?            2.075 ? ? 
metalc12 metalc ? ? C MG .  MG ? ? ? 1_555 D HOH .  O  ? ? A MG 102 A HOH 291 1_555 ? ? ? ? ? ? ?            2.093 ? ? 
hydrog1  hydrog ? ? A A  1  N1 ? ? ? 1_555 A U   16 N3 ? ? A A  1   A U   16  4_555 ? ? ? ? ? ? WATSON-CRICK ?     ? ? 
hydrog2  hydrog ? ? A A  1  N6 ? ? ? 1_555 A U   16 O4 ? ? A A  1   A U   16  4_555 ? ? ? ? ? ? WATSON-CRICK ?     ? ? 
hydrog3  hydrog ? ? A DG 2  N1 ? ? ? 1_555 A C   15 N3 ? ? A DG 2   A C   15  4_555 ? ? ? ? ? ? WATSON-CRICK ?     ? ? 
hydrog4  hydrog ? ? A DG 2  N2 ? ? ? 1_555 A C   15 O2 ? ? A DG 2   A C   15  4_555 ? ? ? ? ? ? WATSON-CRICK ?     ? ? 
hydrog5  hydrog ? ? A DG 2  O6 ? ? ? 1_555 A C   15 N4 ? ? A DG 2   A C   15  4_555 ? ? ? ? ? ? WATSON-CRICK ?     ? ? 
hydrog6  hydrog ? ? A A  3  N1 ? ? ? 1_555 A U   14 N3 ? ? A A  3   A U   14  4_555 ? ? ? ? ? ? WATSON-CRICK ?     ? ? 
hydrog7  hydrog ? ? A A  3  N6 ? ? ? 1_555 A U   14 O4 ? ? A A  3   A U   14  4_555 ? ? ? ? ? ? WATSON-CRICK ?     ? ? 
hydrog8  hydrog ? ? A G  4  N1 ? ? ? 1_555 A C   13 N3 ? ? A G  4   A C   13  4_555 ? ? ? ? ? ? WATSON-CRICK ?     ? ? 
hydrog9  hydrog ? ? A G  4  N2 ? ? ? 1_555 A C   13 O2 ? ? A G  4   A C   13  4_555 ? ? ? ? ? ? WATSON-CRICK ?     ? ? 
hydrog10 hydrog ? ? A G  4  O6 ? ? ? 1_555 A C   13 N4 ? ? A G  4   A C   13  4_555 ? ? ? ? ? ? WATSON-CRICK ?     ? ? 
hydrog11 hydrog ? ? A A  5  N1 ? ? ? 1_555 A U   12 N3 ? ? A A  5   A U   12  4_555 ? ? ? ? ? ? WATSON-CRICK ?     ? ? 
hydrog12 hydrog ? ? A A  5  N6 ? ? ? 1_555 A U   12 O4 ? ? A A  5   A U   12  4_555 ? ? ? ? ? ? WATSON-CRICK ?     ? ? 
hydrog13 hydrog ? ? A A  6  N1 ? ? ? 1_555 A U   11 N3 ? ? A A  6   A U   11  4_555 ? ? ? ? ? ? WATSON-CRICK ?     ? ? 
hydrog14 hydrog ? ? A A  6  N6 ? ? ? 1_555 A U   11 O4 ? ? A A  6   A U   11  4_555 ? ? ? ? ? ? WATSON-CRICK ?     ? ? 
hydrog15 hydrog ? ? A G  7  N1 ? ? ? 1_555 A C   10 N3 ? ? A G  7   A C   10  4_555 ? ? ? ? ? ? WATSON-CRICK ?     ? ? 
hydrog16 hydrog ? ? A G  7  N2 ? ? ? 1_555 A C   10 O2 ? ? A G  7   A C   10  4_555 ? ? ? ? ? ? WATSON-CRICK ?     ? ? 
hydrog17 hydrog ? ? A G  7  O6 ? ? ? 1_555 A C   10 N4 ? ? A G  7   A C   10  4_555 ? ? ? ? ? ? WATSON-CRICK ?     ? ? 
hydrog18 hydrog ? ? A A  8  N1 ? ? ? 1_555 A U   9  N3 ? ? A A  8   A U   9   4_555 ? ? ? ? ? ? WATSON-CRICK ?     ? ? 
hydrog19 hydrog ? ? A A  8  N6 ? ? ? 1_555 A U   9  O4 ? ? A A  8   A U   9   4_555 ? ? ? ? ? ? WATSON-CRICK ?     ? ? 
hydrog20 hydrog ? ? A U  9  N3 ? ? ? 1_555 A A   8  N1 ? ? A U  9   A A   8   4_555 ? ? ? ? ? ? WATSON-CRICK ?     ? ? 
hydrog21 hydrog ? ? A U  9  O4 ? ? ? 1_555 A A   8  N6 ? ? A U  9   A A   8   4_555 ? ? ? ? ? ? WATSON-CRICK ?     ? ? 
hydrog22 hydrog ? ? A C  10 N3 ? ? ? 1_555 A G   7  N1 ? ? A C  10  A G   7   4_555 ? ? ? ? ? ? WATSON-CRICK ?     ? ? 
hydrog23 hydrog ? ? A C  10 N4 ? ? ? 1_555 A G   7  O6 ? ? A C  10  A G   7   4_555 ? ? ? ? ? ? WATSON-CRICK ?     ? ? 
hydrog24 hydrog ? ? A C  10 O2 ? ? ? 1_555 A G   7  N2 ? ? A C  10  A G   7   4_555 ? ? ? ? ? ? WATSON-CRICK ?     ? ? 
hydrog25 hydrog ? ? A U  11 N3 ? ? ? 1_555 A A   6  N1 ? ? A U  11  A A   6   4_555 ? ? ? ? ? ? WATSON-CRICK ?     ? ? 
hydrog26 hydrog ? ? A U  11 O4 ? ? ? 1_555 A A   6  N6 ? ? A U  11  A A   6   4_555 ? ? ? ? ? ? WATSON-CRICK ?     ? ? 
hydrog27 hydrog ? ? A U  12 N3 ? ? ? 1_555 A A   5  N1 ? ? A U  12  A A   5   4_555 ? ? ? ? ? ? WATSON-CRICK ?     ? ? 
hydrog28 hydrog ? ? A U  12 O4 ? ? ? 1_555 A A   5  N6 ? ? A U  12  A A   5   4_555 ? ? ? ? ? ? WATSON-CRICK ?     ? ? 
hydrog29 hydrog ? ? A C  13 N3 ? ? ? 1_555 A G   4  N1 ? ? A C  13  A G   4   4_555 ? ? ? ? ? ? WATSON-CRICK ?     ? ? 
hydrog30 hydrog ? ? A C  13 N4 ? ? ? 1_555 A G   4  O6 ? ? A C  13  A G   4   4_555 ? ? ? ? ? ? WATSON-CRICK ?     ? ? 
hydrog31 hydrog ? ? A C  13 O2 ? ? ? 1_555 A G   4  N2 ? ? A C  13  A G   4   4_555 ? ? ? ? ? ? WATSON-CRICK ?     ? ? 
hydrog32 hydrog ? ? A U  14 N3 ? ? ? 1_555 A A   3  N1 ? ? A U  14  A A   3   4_555 ? ? ? ? ? ? WATSON-CRICK ?     ? ? 
hydrog33 hydrog ? ? A U  14 O4 ? ? ? 1_555 A A   3  N6 ? ? A U  14  A A   3   4_555 ? ? ? ? ? ? WATSON-CRICK ?     ? ? 
hydrog34 hydrog ? ? A C  15 N3 ? ? ? 1_555 A DG  2  N1 ? ? A C  15  A DG  2   4_555 ? ? ? ? ? ? WATSON-CRICK ?     ? ? 
hydrog35 hydrog ? ? A C  15 N4 ? ? ? 1_555 A DG  2  O6 ? ? A C  15  A DG  2   4_555 ? ? ? ? ? ? WATSON-CRICK ?     ? ? 
hydrog36 hydrog ? ? A C  15 O2 ? ? ? 1_555 A DG  2  N2 ? ? A C  15  A DG  2   4_555 ? ? ? ? ? ? WATSON-CRICK ?     ? ? 
hydrog37 hydrog ? ? A U  16 N3 ? ? ? 1_555 A A   1  N1 ? ? A U  16  A A   1   4_555 ? ? ? ? ? ? WATSON-CRICK ?     ? ? 
hydrog38 hydrog ? ? A U  16 O4 ? ? ? 1_555 A A   1  N6 ? ? A U  16  A A   1   4_555 ? ? ? ? ? ? WATSON-CRICK ?     ? ? 
# 
loop_
_struct_conn_type.id 
_struct_conn_type.criteria 
_struct_conn_type.reference 
metalc ? ? 
hydrog ? ? 
# 
loop_
_pdbx_struct_conn_angle.id 
_pdbx_struct_conn_angle.ptnr1_label_atom_id 
_pdbx_struct_conn_angle.ptnr1_label_alt_id 
_pdbx_struct_conn_angle.ptnr1_label_asym_id 
_pdbx_struct_conn_angle.ptnr1_label_comp_id 
_pdbx_struct_conn_angle.ptnr1_label_seq_id 
_pdbx_struct_conn_angle.ptnr1_auth_atom_id 
_pdbx_struct_conn_angle.ptnr1_auth_asym_id 
_pdbx_struct_conn_angle.ptnr1_auth_comp_id 
_pdbx_struct_conn_angle.ptnr1_auth_seq_id 
_pdbx_struct_conn_angle.ptnr1_PDB_ins_code 
_pdbx_struct_conn_angle.ptnr1_symmetry 
_pdbx_struct_conn_angle.ptnr2_label_atom_id 
_pdbx_struct_conn_angle.ptnr2_label_alt_id 
_pdbx_struct_conn_angle.ptnr2_label_asym_id 
_pdbx_struct_conn_angle.ptnr2_label_comp_id 
_pdbx_struct_conn_angle.ptnr2_label_seq_id 
_pdbx_struct_conn_angle.ptnr2_auth_atom_id 
_pdbx_struct_conn_angle.ptnr2_auth_asym_id 
_pdbx_struct_conn_angle.ptnr2_auth_comp_id 
_pdbx_struct_conn_angle.ptnr2_auth_seq_id 
_pdbx_struct_conn_angle.ptnr2_PDB_ins_code 
_pdbx_struct_conn_angle.ptnr2_symmetry 
_pdbx_struct_conn_angle.ptnr3_label_atom_id 
_pdbx_struct_conn_angle.ptnr3_label_alt_id 
_pdbx_struct_conn_angle.ptnr3_label_asym_id 
_pdbx_struct_conn_angle.ptnr3_label_comp_id 
_pdbx_struct_conn_angle.ptnr3_label_seq_id 
_pdbx_struct_conn_angle.ptnr3_auth_atom_id 
_pdbx_struct_conn_angle.ptnr3_auth_asym_id 
_pdbx_struct_conn_angle.ptnr3_auth_comp_id 
_pdbx_struct_conn_angle.ptnr3_auth_seq_id 
_pdbx_struct_conn_angle.ptnr3_PDB_ins_code 
_pdbx_struct_conn_angle.ptnr3_symmetry 
_pdbx_struct_conn_angle.value 
_pdbx_struct_conn_angle.value_esd 
1  O ? D HOH . ? A HOH 230 ? 1_555 MG ? B MG . ? A MG 101 ? 1_555 O ? D HOH . ? A HOH 239 ? 1_555 96.7  ? 
2  O ? D HOH . ? A HOH 230 ? 1_555 MG ? B MG . ? A MG 101 ? 1_555 O ? D HOH . ? A HOH 240 ? 1_555 87.3  ? 
3  O ? D HOH . ? A HOH 239 ? 1_555 MG ? B MG . ? A MG 101 ? 1_555 O ? D HOH . ? A HOH 240 ? 1_555 93.2  ? 
4  O ? D HOH . ? A HOH 230 ? 1_555 MG ? B MG . ? A MG 101 ? 1_555 O ? D HOH . ? A HOH 287 ? 1_555 85.2  ? 
5  O ? D HOH . ? A HOH 239 ? 1_555 MG ? B MG . ? A MG 101 ? 1_555 O ? D HOH . ? A HOH 287 ? 1_555 104.4 ? 
6  O ? D HOH . ? A HOH 240 ? 1_555 MG ? B MG . ? A MG 101 ? 1_555 O ? D HOH . ? A HOH 287 ? 1_555 161.5 ? 
7  O ? D HOH . ? A HOH 230 ? 1_555 MG ? B MG . ? A MG 101 ? 1_555 O ? D HOH . ? A HOH 288 ? 1_555 168.3 ? 
8  O ? D HOH . ? A HOH 239 ? 1_555 MG ? B MG . ? A MG 101 ? 1_555 O ? D HOH . ? A HOH 288 ? 1_555 94.0  ? 
9  O ? D HOH . ? A HOH 240 ? 1_555 MG ? B MG . ? A MG 101 ? 1_555 O ? D HOH . ? A HOH 288 ? 1_555 87.4  ? 
10 O ? D HOH . ? A HOH 287 ? 1_555 MG ? B MG . ? A MG 101 ? 1_555 O ? D HOH . ? A HOH 288 ? 1_555 96.8  ? 
11 O ? D HOH . ? A HOH 230 ? 1_555 MG ? B MG . ? A MG 101 ? 1_555 O ? D HOH . ? A HOH 290 ? 1_555 80.7  ? 
12 O ? D HOH . ? A HOH 239 ? 1_555 MG ? B MG . ? A MG 101 ? 1_555 O ? D HOH . ? A HOH 290 ? 1_555 171.2 ? 
13 O ? D HOH . ? A HOH 240 ? 1_555 MG ? B MG . ? A MG 101 ? 1_555 O ? D HOH . ? A HOH 290 ? 1_555 78.3  ? 
14 O ? D HOH . ? A HOH 287 ? 1_555 MG ? B MG . ? A MG 101 ? 1_555 O ? D HOH . ? A HOH 290 ? 1_555 83.9  ? 
15 O ? D HOH . ? A HOH 288 ? 1_555 MG ? B MG . ? A MG 101 ? 1_555 O ? D HOH . ? A HOH 290 ? 1_555 88.1  ? 
16 O ? D HOH . ? A HOH 210 ? 1_555 MG ? C MG . ? A MG 102 ? 1_555 O ? D HOH . ? A HOH 237 ? 1_555 84.3  ? 
17 O ? D HOH . ? A HOH 210 ? 1_555 MG ? C MG . ? A MG 102 ? 1_555 O ? D HOH . ? A HOH 257 ? 1_555 89.7  ? 
18 O ? D HOH . ? A HOH 237 ? 1_555 MG ? C MG . ? A MG 102 ? 1_555 O ? D HOH . ? A HOH 257 ? 1_555 94.5  ? 
19 O ? D HOH . ? A HOH 210 ? 1_555 MG ? C MG . ? A MG 102 ? 1_555 O ? D HOH . ? A HOH 278 ? 1_555 83.7  ? 
20 O ? D HOH . ? A HOH 237 ? 1_555 MG ? C MG . ? A MG 102 ? 1_555 O ? D HOH . ? A HOH 278 ? 1_555 162.2 ? 
21 O ? D HOH . ? A HOH 257 ? 1_555 MG ? C MG . ? A MG 102 ? 1_555 O ? D HOH . ? A HOH 278 ? 1_555 72.4  ? 
22 O ? D HOH . ? A HOH 210 ? 1_555 MG ? C MG . ? A MG 102 ? 1_555 O ? D HOH . ? A HOH 283 ? 1_555 171.2 ? 
23 O ? D HOH . ? A HOH 237 ? 1_555 MG ? C MG . ? A MG 102 ? 1_555 O ? D HOH . ? A HOH 283 ? 1_555 97.8  ? 
24 O ? D HOH . ? A HOH 257 ? 1_555 MG ? C MG . ? A MG 102 ? 1_555 O ? D HOH . ? A HOH 283 ? 1_555 81.6  ? 
25 O ? D HOH . ? A HOH 278 ? 1_555 MG ? C MG . ? A MG 102 ? 1_555 O ? D HOH . ? A HOH 283 ? 1_555 92.2  ? 
26 O ? D HOH . ? A HOH 210 ? 1_555 MG ? C MG . ? A MG 102 ? 1_555 O ? D HOH . ? A HOH 291 ? 1_555 92.7  ? 
27 O ? D HOH . ? A HOH 237 ? 1_555 MG ? C MG . ? A MG 102 ? 1_555 O ? D HOH . ? A HOH 291 ? 1_555 89.2  ? 
28 O ? D HOH . ? A HOH 257 ? 1_555 MG ? C MG . ? A MG 102 ? 1_555 O ? D HOH . ? A HOH 291 ? 1_555 175.8 ? 
29 O ? D HOH . ? A HOH 278 ? 1_555 MG ? C MG . ? A MG 102 ? 1_555 O ? D HOH . ? A HOH 291 ? 1_555 104.3 ? 
30 O ? D HOH . ? A HOH 283 ? 1_555 MG ? C MG . ? A MG 102 ? 1_555 O ? D HOH . ? A HOH 291 ? 1_555 95.9  ? 
# 
_pdbx_entry_details.entry_id                   9OKW 
_pdbx_entry_details.nonpolymer_details         ? 
_pdbx_entry_details.sequence_details           ? 
_pdbx_entry_details.compound_details           ? 
_pdbx_entry_details.source_details             ? 
_pdbx_entry_details.has_ligand_of_interest     N 
_pdbx_entry_details.has_protein_modification   N 
# 
_pdbx_validate_close_contact.id               1 
_pdbx_validate_close_contact.PDB_model_num    1 
_pdbx_validate_close_contact.auth_atom_id_1   O2 
_pdbx_validate_close_contact.auth_asym_id_1   A 
_pdbx_validate_close_contact.auth_comp_id_1   C 
_pdbx_validate_close_contact.auth_seq_id_1    13 
_pdbx_validate_close_contact.PDB_ins_code_1   ? 
_pdbx_validate_close_contact.label_alt_id_1   ? 
_pdbx_validate_close_contact.auth_atom_id_2   O 
_pdbx_validate_close_contact.auth_asym_id_2   A 
_pdbx_validate_close_contact.auth_comp_id_2   HOH 
_pdbx_validate_close_contact.auth_seq_id_2    201 
_pdbx_validate_close_contact.PDB_ins_code_2   ? 
_pdbx_validate_close_contact.label_alt_id_2   ? 
_pdbx_validate_close_contact.dist             2.10 
# 
_pdbx_validate_symm_contact.id                1 
_pdbx_validate_symm_contact.PDB_model_num     1 
_pdbx_validate_symm_contact.auth_atom_id_1    O 
_pdbx_validate_symm_contact.auth_asym_id_1    A 
_pdbx_validate_symm_contact.auth_comp_id_1    HOH 
_pdbx_validate_symm_contact.auth_seq_id_1     201 
_pdbx_validate_symm_contact.PDB_ins_code_1    ? 
_pdbx_validate_symm_contact.label_alt_id_1    ? 
_pdbx_validate_symm_contact.site_symmetry_1   1_555 
_pdbx_validate_symm_contact.auth_atom_id_2    O 
_pdbx_validate_symm_contact.auth_asym_id_2    A 
_pdbx_validate_symm_contact.auth_comp_id_2    HOH 
_pdbx_validate_symm_contact.auth_seq_id_2     203 
_pdbx_validate_symm_contact.PDB_ins_code_2    ? 
_pdbx_validate_symm_contact.label_alt_id_2    ? 
_pdbx_validate_symm_contact.site_symmetry_2   2_665 
_pdbx_validate_symm_contact.dist              2.15 
# 
loop_
_pdbx_struct_special_symmetry.id 
_pdbx_struct_special_symmetry.PDB_model_num 
_pdbx_struct_special_symmetry.auth_asym_id 
_pdbx_struct_special_symmetry.auth_comp_id 
_pdbx_struct_special_symmetry.auth_seq_id 
_pdbx_struct_special_symmetry.PDB_ins_code 
_pdbx_struct_special_symmetry.label_asym_id 
_pdbx_struct_special_symmetry.label_comp_id 
_pdbx_struct_special_symmetry.label_seq_id 
1 1 A HOH 222 ? D HOH . 
2 1 A HOH 229 ? D HOH . 
3 1 A HOH 250 ? D HOH . 
4 1 A HOH 265 ? D HOH . 
5 1 A HOH 274 ? D HOH . 
6 1 A HOH 275 ? D HOH . 
7 1 A HOH 285 ? D HOH . 
# 
loop_
_space_group_symop.id 
_space_group_symop.operation_xyz 
1  x,y,z                  
2  -y,x-y,z               
3  -x+y,-x,z              
4  x-y,-y,-z              
5  -x,-x+y,-z             
6  y,x,-z                 
7  x+1/3,y+2/3,z+2/3      
8  -y+1/3,x-y+2/3,z+2/3   
9  -x+y+1/3,-x+2/3,z+2/3  
10 x-y+1/3,-y+2/3,-z+2/3  
11 -x+1/3,-x+y+2/3,-z+2/3 
12 y+1/3,x+2/3,-z+2/3     
13 x+2/3,y+1/3,z+1/3      
14 -y+2/3,x-y+1/3,z+1/3   
15 -x+y+2/3,-x+1/3,z+1/3  
16 x-y+2/3,-y+1/3,-z+1/3  
17 -x+2/3,-x+y+1/3,-z+1/3 
18 y+2/3,x+1/3,-z+1/3     
# 
loop_
_chem_comp_atom.comp_id 
_chem_comp_atom.atom_id 
_chem_comp_atom.type_symbol 
_chem_comp_atom.pdbx_aromatic_flag 
_chem_comp_atom.pdbx_stereo_config 
_chem_comp_atom.pdbx_ordinal 
A   OP3    O  N N 1   
A   P      P  N N 2   
A   OP1    O  N N 3   
A   OP2    O  N N 4   
A   "O5'"  O  N N 5   
A   "C5'"  C  N N 6   
A   "C4'"  C  N R 7   
A   "O4'"  O  N N 8   
A   "C3'"  C  N S 9   
A   "O3'"  O  N N 10  
A   "C2'"  C  N R 11  
A   "O2'"  O  N N 12  
A   "C1'"  C  N R 13  
A   N9     N  Y N 14  
A   C8     C  Y N 15  
A   N7     N  Y N 16  
A   C5     C  Y N 17  
A   C6     C  Y N 18  
A   N6     N  N N 19  
A   N1     N  Y N 20  
A   C2     C  Y N 21  
A   N3     N  Y N 22  
A   C4     C  Y N 23  
A   HOP3   H  N N 24  
A   HOP2   H  N N 25  
A   "H5'"  H  N N 26  
A   "H5''" H  N N 27  
A   "H4'"  H  N N 28  
A   "H3'"  H  N N 29  
A   "HO3'" H  N N 30  
A   "H2'"  H  N N 31  
A   "HO2'" H  N N 32  
A   "H1'"  H  N N 33  
A   H8     H  N N 34  
A   H61    H  N N 35  
A   H62    H  N N 36  
A   H2     H  N N 37  
C   OP3    O  N N 38  
C   P      P  N N 39  
C   OP1    O  N N 40  
C   OP2    O  N N 41  
C   "O5'"  O  N N 42  
C   "C5'"  C  N N 43  
C   "C4'"  C  N R 44  
C   "O4'"  O  N N 45  
C   "C3'"  C  N S 46  
C   "O3'"  O  N N 47  
C   "C2'"  C  N R 48  
C   "O2'"  O  N N 49  
C   "C1'"  C  N R 50  
C   N1     N  N N 51  
C   C2     C  N N 52  
C   O2     O  N N 53  
C   N3     N  N N 54  
C   C4     C  N N 55  
C   N4     N  N N 56  
C   C5     C  N N 57  
C   C6     C  N N 58  
C   HOP3   H  N N 59  
C   HOP2   H  N N 60  
C   "H5'"  H  N N 61  
C   "H5''" H  N N 62  
C   "H4'"  H  N N 63  
C   "H3'"  H  N N 64  
C   "HO3'" H  N N 65  
C   "H2'"  H  N N 66  
C   "HO2'" H  N N 67  
C   "H1'"  H  N N 68  
C   H41    H  N N 69  
C   H42    H  N N 70  
C   H5     H  N N 71  
C   H6     H  N N 72  
DG  OP3    O  N N 73  
DG  P      P  N N 74  
DG  OP1    O  N N 75  
DG  OP2    O  N N 76  
DG  "O5'"  O  N N 77  
DG  "C5'"  C  N N 78  
DG  "C4'"  C  N R 79  
DG  "O4'"  O  N N 80  
DG  "C3'"  C  N S 81  
DG  "O3'"  O  N N 82  
DG  "C2'"  C  N N 83  
DG  "C1'"  C  N R 84  
DG  N9     N  Y N 85  
DG  C8     C  Y N 86  
DG  N7     N  Y N 87  
DG  C5     C  Y N 88  
DG  C6     C  N N 89  
DG  O6     O  N N 90  
DG  N1     N  N N 91  
DG  C2     C  N N 92  
DG  N2     N  N N 93  
DG  N3     N  N N 94  
DG  C4     C  Y N 95  
DG  HOP3   H  N N 96  
DG  HOP2   H  N N 97  
DG  "H5'"  H  N N 98  
DG  "H5''" H  N N 99  
DG  "H4'"  H  N N 100 
DG  "H3'"  H  N N 101 
DG  "HO3'" H  N N 102 
DG  "H2'"  H  N N 103 
DG  "H2''" H  N N 104 
DG  "H1'"  H  N N 105 
DG  H8     H  N N 106 
DG  H1     H  N N 107 
DG  H21    H  N N 108 
DG  H22    H  N N 109 
G   OP3    O  N N 110 
G   P      P  N N 111 
G   OP1    O  N N 112 
G   OP2    O  N N 113 
G   "O5'"  O  N N 114 
G   "C5'"  C  N N 115 
G   "C4'"  C  N R 116 
G   "O4'"  O  N N 117 
G   "C3'"  C  N S 118 
G   "O3'"  O  N N 119 
G   "C2'"  C  N R 120 
G   "O2'"  O  N N 121 
G   "C1'"  C  N R 122 
G   N9     N  Y N 123 
G   C8     C  Y N 124 
G   N7     N  Y N 125 
G   C5     C  Y N 126 
G   C6     C  N N 127 
G   O6     O  N N 128 
G   N1     N  N N 129 
G   C2     C  N N 130 
G   N2     N  N N 131 
G   N3     N  N N 132 
G   C4     C  Y N 133 
G   HOP3   H  N N 134 
G   HOP2   H  N N 135 
G   "H5'"  H  N N 136 
G   "H5''" H  N N 137 
G   "H4'"  H  N N 138 
G   "H3'"  H  N N 139 
G   "HO3'" H  N N 140 
G   "H2'"  H  N N 141 
G   "HO2'" H  N N 142 
G   "H1'"  H  N N 143 
G   H8     H  N N 144 
G   H1     H  N N 145 
G   H21    H  N N 146 
G   H22    H  N N 147 
HOH O      O  N N 148 
HOH H1     H  N N 149 
HOH H2     H  N N 150 
MG  MG     MG N N 151 
U   OP3    O  N N 152 
U   P      P  N N 153 
U   OP1    O  N N 154 
U   OP2    O  N N 155 
U   "O5'"  O  N N 156 
U   "C5'"  C  N N 157 
U   "C4'"  C  N R 158 
U   "O4'"  O  N N 159 
U   "C3'"  C  N S 160 
U   "O3'"  O  N N 161 
U   "C2'"  C  N R 162 
U   "O2'"  O  N N 163 
U   "C1'"  C  N R 164 
U   N1     N  N N 165 
U   C2     C  N N 166 
U   O2     O  N N 167 
U   N3     N  N N 168 
U   C4     C  N N 169 
U   O4     O  N N 170 
U   C5     C  N N 171 
U   C6     C  N N 172 
U   HOP3   H  N N 173 
U   HOP2   H  N N 174 
U   "H5'"  H  N N 175 
U   "H5''" H  N N 176 
U   "H4'"  H  N N 177 
U   "H3'"  H  N N 178 
U   "HO3'" H  N N 179 
U   "H2'"  H  N N 180 
U   "HO2'" H  N N 181 
U   "H1'"  H  N N 182 
U   H3     H  N N 183 
U   H5     H  N N 184 
U   H6     H  N N 185 
# 
loop_
_chem_comp_bond.comp_id 
_chem_comp_bond.atom_id_1 
_chem_comp_bond.atom_id_2 
_chem_comp_bond.value_order 
_chem_comp_bond.pdbx_aromatic_flag 
_chem_comp_bond.pdbx_stereo_config 
_chem_comp_bond.pdbx_ordinal 
A   OP3   P      sing N N 1   
A   OP3   HOP3   sing N N 2   
A   P     OP1    doub N N 3   
A   P     OP2    sing N N 4   
A   P     "O5'"  sing N N 5   
A   OP2   HOP2   sing N N 6   
A   "O5'" "C5'"  sing N N 7   
A   "C5'" "C4'"  sing N N 8   
A   "C5'" "H5'"  sing N N 9   
A   "C5'" "H5''" sing N N 10  
A   "C4'" "O4'"  sing N N 11  
A   "C4'" "C3'"  sing N N 12  
A   "C4'" "H4'"  sing N N 13  
A   "O4'" "C1'"  sing N N 14  
A   "C3'" "O3'"  sing N N 15  
A   "C3'" "C2'"  sing N N 16  
A   "C3'" "H3'"  sing N N 17  
A   "O3'" "HO3'" sing N N 18  
A   "C2'" "O2'"  sing N N 19  
A   "C2'" "C1'"  sing N N 20  
A   "C2'" "H2'"  sing N N 21  
A   "O2'" "HO2'" sing N N 22  
A   "C1'" N9     sing N N 23  
A   "C1'" "H1'"  sing N N 24  
A   N9    C8     sing Y N 25  
A   N9    C4     sing Y N 26  
A   C8    N7     doub Y N 27  
A   C8    H8     sing N N 28  
A   N7    C5     sing Y N 29  
A   C5    C6     sing Y N 30  
A   C5    C4     doub Y N 31  
A   C6    N6     sing N N 32  
A   C6    N1     doub Y N 33  
A   N6    H61    sing N N 34  
A   N6    H62    sing N N 35  
A   N1    C2     sing Y N 36  
A   C2    N3     doub Y N 37  
A   C2    H2     sing N N 38  
A   N3    C4     sing Y N 39  
C   OP3   P      sing N N 40  
C   OP3   HOP3   sing N N 41  
C   P     OP1    doub N N 42  
C   P     OP2    sing N N 43  
C   P     "O5'"  sing N N 44  
C   OP2   HOP2   sing N N 45  
C   "O5'" "C5'"  sing N N 46  
C   "C5'" "C4'"  sing N N 47  
C   "C5'" "H5'"  sing N N 48  
C   "C5'" "H5''" sing N N 49  
C   "C4'" "O4'"  sing N N 50  
C   "C4'" "C3'"  sing N N 51  
C   "C4'" "H4'"  sing N N 52  
C   "O4'" "C1'"  sing N N 53  
C   "C3'" "O3'"  sing N N 54  
C   "C3'" "C2'"  sing N N 55  
C   "C3'" "H3'"  sing N N 56  
C   "O3'" "HO3'" sing N N 57  
C   "C2'" "O2'"  sing N N 58  
C   "C2'" "C1'"  sing N N 59  
C   "C2'" "H2'"  sing N N 60  
C   "O2'" "HO2'" sing N N 61  
C   "C1'" N1     sing N N 62  
C   "C1'" "H1'"  sing N N 63  
C   N1    C2     sing N N 64  
C   N1    C6     sing N N 65  
C   C2    O2     doub N N 66  
C   C2    N3     sing N N 67  
C   N3    C4     doub N N 68  
C   C4    N4     sing N N 69  
C   C4    C5     sing N N 70  
C   N4    H41    sing N N 71  
C   N4    H42    sing N N 72  
C   C5    C6     doub N N 73  
C   C5    H5     sing N N 74  
C   C6    H6     sing N N 75  
DG  OP3   P      sing N N 76  
DG  OP3   HOP3   sing N N 77  
DG  P     OP1    doub N N 78  
DG  P     OP2    sing N N 79  
DG  P     "O5'"  sing N N 80  
DG  OP2   HOP2   sing N N 81  
DG  "O5'" "C5'"  sing N N 82  
DG  "C5'" "C4'"  sing N N 83  
DG  "C5'" "H5'"  sing N N 84  
DG  "C5'" "H5''" sing N N 85  
DG  "C4'" "O4'"  sing N N 86  
DG  "C4'" "C3'"  sing N N 87  
DG  "C4'" "H4'"  sing N N 88  
DG  "O4'" "C1'"  sing N N 89  
DG  "C3'" "O3'"  sing N N 90  
DG  "C3'" "C2'"  sing N N 91  
DG  "C3'" "H3'"  sing N N 92  
DG  "O3'" "HO3'" sing N N 93  
DG  "C2'" "C1'"  sing N N 94  
DG  "C2'" "H2'"  sing N N 95  
DG  "C2'" "H2''" sing N N 96  
DG  "C1'" N9     sing N N 97  
DG  "C1'" "H1'"  sing N N 98  
DG  N9    C8     sing Y N 99  
DG  N9    C4     sing Y N 100 
DG  C8    N7     doub Y N 101 
DG  C8    H8     sing N N 102 
DG  N7    C5     sing Y N 103 
DG  C5    C6     sing N N 104 
DG  C5    C4     doub Y N 105 
DG  C6    O6     doub N N 106 
DG  C6    N1     sing N N 107 
DG  N1    C2     sing N N 108 
DG  N1    H1     sing N N 109 
DG  C2    N2     sing N N 110 
DG  C2    N3     doub N N 111 
DG  N2    H21    sing N N 112 
DG  N2    H22    sing N N 113 
DG  N3    C4     sing N N 114 
G   OP3   P      sing N N 115 
G   OP3   HOP3   sing N N 116 
G   P     OP1    doub N N 117 
G   P     OP2    sing N N 118 
G   P     "O5'"  sing N N 119 
G   OP2   HOP2   sing N N 120 
G   "O5'" "C5'"  sing N N 121 
G   "C5'" "C4'"  sing N N 122 
G   "C5'" "H5'"  sing N N 123 
G   "C5'" "H5''" sing N N 124 
G   "C4'" "O4'"  sing N N 125 
G   "C4'" "C3'"  sing N N 126 
G   "C4'" "H4'"  sing N N 127 
G   "O4'" "C1'"  sing N N 128 
G   "C3'" "O3'"  sing N N 129 
G   "C3'" "C2'"  sing N N 130 
G   "C3'" "H3'"  sing N N 131 
G   "O3'" "HO3'" sing N N 132 
G   "C2'" "O2'"  sing N N 133 
G   "C2'" "C1'"  sing N N 134 
G   "C2'" "H2'"  sing N N 135 
G   "O2'" "HO2'" sing N N 136 
G   "C1'" N9     sing N N 137 
G   "C1'" "H1'"  sing N N 138 
G   N9    C8     sing Y N 139 
G   N9    C4     sing Y N 140 
G   C8    N7     doub Y N 141 
G   C8    H8     sing N N 142 
G   N7    C5     sing Y N 143 
G   C5    C6     sing N N 144 
G   C5    C4     doub Y N 145 
G   C6    O6     doub N N 146 
G   C6    N1     sing N N 147 
G   N1    C2     sing N N 148 
G   N1    H1     sing N N 149 
G   C2    N2     sing N N 150 
G   C2    N3     doub N N 151 
G   N2    H21    sing N N 152 
G   N2    H22    sing N N 153 
G   N3    C4     sing N N 154 
HOH O     H1     sing N N 155 
HOH O     H2     sing N N 156 
U   OP3   P      sing N N 157 
U   OP3   HOP3   sing N N 158 
U   P     OP1    doub N N 159 
U   P     OP2    sing N N 160 
U   P     "O5'"  sing N N 161 
U   OP2   HOP2   sing N N 162 
U   "O5'" "C5'"  sing N N 163 
U   "C5'" "C4'"  sing N N 164 
U   "C5'" "H5'"  sing N N 165 
U   "C5'" "H5''" sing N N 166 
U   "C4'" "O4'"  sing N N 167 
U   "C4'" "C3'"  sing N N 168 
U   "C4'" "H4'"  sing N N 169 
U   "O4'" "C1'"  sing N N 170 
U   "C3'" "O3'"  sing N N 171 
U   "C3'" "C2'"  sing N N 172 
U   "C3'" "H3'"  sing N N 173 
U   "O3'" "HO3'" sing N N 174 
U   "C2'" "O2'"  sing N N 175 
U   "C2'" "C1'"  sing N N 176 
U   "C2'" "H2'"  sing N N 177 
U   "O2'" "HO2'" sing N N 178 
U   "C1'" N1     sing N N 179 
U   "C1'" "H1'"  sing N N 180 
U   N1    C2     sing N N 181 
U   N1    C6     sing N N 182 
U   C2    O2     doub N N 183 
U   C2    N3     sing N N 184 
U   N3    C4     sing N N 185 
U   N3    H3     sing N N 186 
U   C4    O4     doub N N 187 
U   C4    C5     sing N N 188 
U   C5    C6     doub N N 189 
U   C5    H5     sing N N 190 
U   C6    H6     sing N N 191 
# 
_ndb_struct_conf_na.entry_id   9OKW 
_ndb_struct_conf_na.feature    'a-form double helix' 
# 
loop_
_ndb_struct_na_base_pair.model_number 
_ndb_struct_na_base_pair.i_label_asym_id 
_ndb_struct_na_base_pair.i_label_comp_id 
_ndb_struct_na_base_pair.i_label_seq_id 
_ndb_struct_na_base_pair.i_symmetry 
_ndb_struct_na_base_pair.j_label_asym_id 
_ndb_struct_na_base_pair.j_label_comp_id 
_ndb_struct_na_base_pair.j_label_seq_id 
_ndb_struct_na_base_pair.j_symmetry 
_ndb_struct_na_base_pair.shear 
_ndb_struct_na_base_pair.stretch 
_ndb_struct_na_base_pair.stagger 
_ndb_struct_na_base_pair.buckle 
_ndb_struct_na_base_pair.propeller 
_ndb_struct_na_base_pair.opening 
_ndb_struct_na_base_pair.pair_number 
_ndb_struct_na_base_pair.pair_name 
_ndb_struct_na_base_pair.i_auth_asym_id 
_ndb_struct_na_base_pair.i_auth_seq_id 
_ndb_struct_na_base_pair.i_PDB_ins_code 
_ndb_struct_na_base_pair.j_auth_asym_id 
_ndb_struct_na_base_pair.j_auth_seq_id 
_ndb_struct_na_base_pair.j_PDB_ins_code 
_ndb_struct_na_base_pair.hbond_type_28 
_ndb_struct_na_base_pair.hbond_type_12 
1 A A  1  1_555 A U  16 4_555 0.032  -0.164 0.225  0.571  -9.925  -2.076 1  A_A1:U16_A  A 1  ? A 16 ? 20 1 
1 A DG 2  1_555 A C  15 4_555 -0.197 -0.261 0.068  -1.088 -15.147 -0.562 2  A_DG2:C15_A A 2  ? A 15 ? 19 1 
1 A A  3  1_555 A U  14 4_555 0.020  -0.107 0.219  1.022  -10.609 1.208  3  A_A3:U14_A  A 3  ? A 14 ? 20 1 
1 A G  4  1_555 A C  13 4_555 -0.559 -0.155 -0.186 -3.591 -8.472  -0.352 4  A_G4:C13_A  A 4  ? A 13 ? 19 1 
1 A A  5  1_555 A U  12 4_555 -0.016 -0.213 -0.055 -5.749 -6.707  2.770  5  A_A5:U12_A  A 5  ? A 12 ? 20 1 
1 A A  6  1_555 A U  11 4_555 0.026  -0.069 -0.142 -5.523 -10.087 1.299  6  A_A6:U11_A  A 6  ? A 11 ? 20 1 
1 A G  7  1_555 A C  10 4_555 -0.302 -0.125 0.004  -5.337 -8.804  2.709  7  A_G7:C10_A  A 7  ? A 10 ? 19 1 
1 A A  8  1_555 A U  9  4_555 -0.073 -0.146 0.090  -1.794 -12.539 -0.087 8  A_A8:U9_A   A 8  ? A 9  ? 20 1 
1 A U  9  1_555 A A  8  4_555 0.073  -0.146 0.090  1.794  -12.539 -0.087 9  A_U9:A8_A   A 9  ? A 8  ? 20 1 
1 A C  10 1_555 A G  7  4_555 0.302  -0.125 0.004  5.337  -8.804  2.709  10 A_C10:G7_A  A 10 ? A 7  ? 19 1 
1 A U  11 1_555 A A  6  4_555 -0.026 -0.069 -0.142 5.523  -10.087 1.299  11 A_U11:A6_A  A 11 ? A 6  ? 20 1 
1 A U  12 1_555 A A  5  4_555 0.016  -0.213 -0.055 5.749  -6.707  2.770  12 A_U12:A5_A  A 12 ? A 5  ? 20 1 
1 A C  13 1_555 A G  4  4_555 0.559  -0.155 -0.186 3.591  -8.472  -0.352 13 A_C13:G4_A  A 13 ? A 4  ? 19 1 
1 A U  14 1_555 A A  3  4_555 -0.020 -0.107 0.219  -1.022 -10.609 1.208  14 A_U14:A3_A  A 14 ? A 3  ? 20 1 
1 A C  15 1_555 A DG 2  4_555 0.197  -0.261 0.068  1.088  -15.147 -0.562 15 A_C15:DG2_A A 15 ? A 2  ? 19 1 
1 A U  16 1_555 A A  1  4_555 -0.032 -0.164 0.225  -0.571 -9.925  -2.076 16 A_U16:A1_A  A 16 ? A 1  ? 20 1 
# 
loop_
_ndb_struct_na_base_pair_step.model_number 
_ndb_struct_na_base_pair_step.i_label_asym_id_1 
_ndb_struct_na_base_pair_step.i_label_comp_id_1 
_ndb_struct_na_base_pair_step.i_label_seq_id_1 
_ndb_struct_na_base_pair_step.i_symmetry_1 
_ndb_struct_na_base_pair_step.j_label_asym_id_1 
_ndb_struct_na_base_pair_step.j_label_comp_id_1 
_ndb_struct_na_base_pair_step.j_label_seq_id_1 
_ndb_struct_na_base_pair_step.j_symmetry_1 
_ndb_struct_na_base_pair_step.i_label_asym_id_2 
_ndb_struct_na_base_pair_step.i_label_comp_id_2 
_ndb_struct_na_base_pair_step.i_label_seq_id_2 
_ndb_struct_na_base_pair_step.i_symmetry_2 
_ndb_struct_na_base_pair_step.j_label_asym_id_2 
_ndb_struct_na_base_pair_step.j_label_comp_id_2 
_ndb_struct_na_base_pair_step.j_label_seq_id_2 
_ndb_struct_na_base_pair_step.j_symmetry_2 
_ndb_struct_na_base_pair_step.shift 
_ndb_struct_na_base_pair_step.slide 
_ndb_struct_na_base_pair_step.rise 
_ndb_struct_na_base_pair_step.tilt 
_ndb_struct_na_base_pair_step.roll 
_ndb_struct_na_base_pair_step.twist 
_ndb_struct_na_base_pair_step.x_displacement 
_ndb_struct_na_base_pair_step.y_displacement 
_ndb_struct_na_base_pair_step.helical_rise 
_ndb_struct_na_base_pair_step.inclination 
_ndb_struct_na_base_pair_step.tip 
_ndb_struct_na_base_pair_step.helical_twist 
_ndb_struct_na_base_pair_step.step_number 
_ndb_struct_na_base_pair_step.step_name 
_ndb_struct_na_base_pair_step.i_auth_asym_id_1 
_ndb_struct_na_base_pair_step.i_auth_seq_id_1 
_ndb_struct_na_base_pair_step.i_PDB_ins_code_1 
_ndb_struct_na_base_pair_step.j_auth_asym_id_1 
_ndb_struct_na_base_pair_step.j_auth_seq_id_1 
_ndb_struct_na_base_pair_step.j_PDB_ins_code_1 
_ndb_struct_na_base_pair_step.i_auth_asym_id_2 
_ndb_struct_na_base_pair_step.i_auth_seq_id_2 
_ndb_struct_na_base_pair_step.i_PDB_ins_code_2 
_ndb_struct_na_base_pair_step.j_auth_asym_id_2 
_ndb_struct_na_base_pair_step.j_auth_seq_id_2 
_ndb_struct_na_base_pair_step.j_PDB_ins_code_2 
1 A A  1  1_555 A U  16 4_555 A DG 2  1_555 A C  15 4_555 -0.488 -1.350 3.151 -1.592 7.686  35.827 -3.122 0.574  2.830 12.313 
2.550  36.649 1  AA_A1DG2:C15U16_AA A 1  ? A 16 ? A 2  ? A 15 ? 
1 A DG 2  1_555 A C  15 4_555 A A  3  1_555 A U  14 4_555 0.420  -1.388 3.117 -0.739 2.301  33.373 -2.766 -0.844 3.008 4.001  
1.284  33.458 2  AA_DG2A3:U14C15_AA A 2  ? A 15 ? A 3  ? A 14 ? 
1 A A  3  1_555 A U  14 4_555 A G  4  1_555 A C  13 4_555 -0.089 -1.741 3.299 1.124  11.418 29.241 -5.181 0.357  2.457 21.597 
-2.125 31.365 3  AA_A3G4:C13U14_AA  A 3  ? A 14 ? A 4  ? A 13 ? 
1 A G  4  1_555 A C  13 4_555 A A  5  1_555 A U  12 4_555 0.282  -1.746 3.310 -1.521 11.775 31.867 -4.726 -0.707 2.510 20.574 
2.657  33.954 4  AA_G4A5:U12C13_AA  A 4  ? A 13 ? A 5  ? A 12 ? 
1 A A  5  1_555 A U  12 4_555 A A  6  1_555 A U  11 4_555 0.298  -1.728 3.225 2.876  10.292 31.792 -4.542 -0.086 2.573 18.158 
-5.074 33.496 5  AA_A5A6:U11U12_AA  A 5  ? A 12 ? A 6  ? A 11 ? 
1 A A  6  1_555 A U  11 4_555 A G  7  1_555 A C  10 4_555 0.359  -2.087 3.164 1.090  8.669  26.466 -6.143 -0.519 2.386 18.311 
-2.302 27.847 6  AA_A6G7:C10U11_AA  A 6  ? A 11 ? A 7  ? A 10 ? 
1 A G  7  1_555 A C  10 4_555 A A  8  1_555 A U  9  4_555 -0.682 -1.544 3.118 -1.254 5.299  33.546 -3.423 0.983  2.870 9.106  
2.155  33.973 7  AA_G7A8:U9C10_AA   A 7  ? A 10 ? A 8  ? A 9  ? 
1 A A  8  1_555 A U  9  4_555 A U  9  1_555 A A  8  4_555 0.000  -1.183 3.123 0.000  9.157  31.248 -3.561 0.000  2.678 16.560 
0.000  32.530 8  AA_A8U9:A8U9_AA    A 8  ? A 9  ? A 9  ? A 8  ? 
1 A U  9  1_555 A A  8  4_555 A C  10 1_555 A G  7  4_555 0.682  -1.544 3.118 1.254  5.299  33.546 -3.423 -0.983 2.870 9.106  
-2.155 33.973 9  AA_U9C10:G7A8_AA   A 9  ? A 8  ? A 10 ? A 7  ? 
1 A C  10 1_555 A G  7  4_555 A U  11 1_555 A A  6  4_555 -0.359 -2.087 3.164 -1.090 8.669  26.466 -6.143 0.519  2.386 18.311 
2.302  27.847 10 AA_C10U11:A6G7_AA  A 10 ? A 7  ? A 11 ? A 6  ? 
1 A U  11 1_555 A A  6  4_555 A U  12 1_555 A A  5  4_555 -0.298 -1.728 3.225 -2.876 10.292 31.792 -4.542 0.086  2.573 18.158 
5.074  33.496 11 AA_U11U12:A5A6_AA  A 11 ? A 6  ? A 12 ? A 5  ? 
1 A U  12 1_555 A A  5  4_555 A C  13 1_555 A G  4  4_555 -0.282 -1.746 3.310 1.521  11.775 31.867 -4.726 0.707  2.510 20.574 
-2.657 33.954 12 AA_U12C13:G4A5_AA  A 12 ? A 5  ? A 13 ? A 4  ? 
1 A C  13 1_555 A G  4  4_555 A U  14 1_555 A A  3  4_555 0.089  -1.741 3.299 -1.124 11.418 29.241 -5.181 -0.357 2.457 21.597 
2.125  31.365 13 AA_C13U14:A3G4_AA  A 13 ? A 4  ? A 14 ? A 3  ? 
1 A U  14 1_555 A A  3  4_555 A C  15 1_555 A DG 2  4_555 -0.420 -1.388 3.117 0.739  2.301  33.373 -2.766 0.844  3.008 4.001  
-1.284 33.458 14 AA_U14C15:DG2A3_AA A 14 ? A 3  ? A 15 ? A 2  ? 
1 A C  15 1_555 A DG 2  4_555 A U  16 1_555 A A  1  4_555 0.488  -1.350 3.151 1.592  7.686  35.827 -3.122 -0.574 2.830 12.313 
-2.550 36.649 15 AA_C15U16:A1DG2_AA A 15 ? A 2  ? A 16 ? A 1  ? 
# 
loop_
_pdbx_audit_support.funding_organization 
_pdbx_audit_support.country 
_pdbx_audit_support.grant_number 
_pdbx_audit_support.ordinal 
'National Science Foundation (NSF, United States)' 'United States' 2104708 1 
'Howard Hughes Medical Institute (HHMI)'           'United States' ?       2 
# 
_pdbx_initial_refinement_model.id               1 
_pdbx_initial_refinement_model.entity_id_list   ? 
_pdbx_initial_refinement_model.type             'experimental model' 
_pdbx_initial_refinement_model.source_name      PDB 
_pdbx_initial_refinement_model.accession_code   3ND4 
_pdbx_initial_refinement_model.details          ? 
# 
_space_group.name_H-M_alt     'R 3 2 :H' 
_space_group.name_Hall        
;R 3 2"
;
_space_group.IT_number        155 
_space_group.crystal_system   trigonal 
_space_group.id               1 
# 
_atom_sites.entry_id                    9OKW 
_atom_sites.Cartn_transf_matrix[1][1]   ? 
_atom_sites.Cartn_transf_matrix[1][2]   ? 
_atom_sites.Cartn_transf_matrix[1][3]   ? 
_atom_sites.Cartn_transf_matrix[2][1]   ? 
_atom_sites.Cartn_transf_matrix[2][2]   ? 
_atom_sites.Cartn_transf_matrix[2][3]   ? 
_atom_sites.Cartn_transf_matrix[3][1]   ? 
_atom_sites.Cartn_transf_matrix[3][2]   ? 
_atom_sites.Cartn_transf_matrix[3][3]   ? 
_atom_sites.Cartn_transf_vector[1]      ? 
_atom_sites.Cartn_transf_vector[2]      ? 
_atom_sites.Cartn_transf_vector[3]      ? 
_atom_sites.Cartn_transform_axes        ? 
_atom_sites.fract_transf_matrix[1][1]   -0.02497855 
_atom_sites.fract_transf_matrix[1][2]   -0.00872584 
_atom_sites.fract_transf_matrix[1][3]   0.00912384 
_atom_sites.fract_transf_matrix[2][1]   -0.00195023 
_atom_sites.fract_transf_matrix[2][2]   -0.02343591 
_atom_sites.fract_transf_matrix[2][3]   0.01517323 
_atom_sites.fract_transf_matrix[3][1]   0.00096341 
_atom_sites.fract_transf_matrix[3][2]   0.00427374 
_atom_sites.fract_transf_matrix[3][3]   0.00672486 
_atom_sites.fract_transf_vector[1]      0.409105 
_atom_sites.fract_transf_vector[2]      0.438088 
_atom_sites.fract_transf_vector[3]      -0.011412 
_atom_sites.solution_primary            ? 
_atom_sites.solution_secondary          ? 
_atom_sites.solution_hydrogens          ? 
_atom_sites.special_details             ? 
# 
loop_
_atom_type.symbol 
_atom_type.scat_dispersion_real 
_atom_type.scat_dispersion_imag 
_atom_type.scat_Cromer_Mann_a1 
_atom_type.scat_Cromer_Mann_a2 
_atom_type.scat_Cromer_Mann_a3 
_atom_type.scat_Cromer_Mann_a4 
_atom_type.scat_Cromer_Mann_b1 
_atom_type.scat_Cromer_Mann_b2 
_atom_type.scat_Cromer_Mann_b3 
_atom_type.scat_Cromer_Mann_b4 
_atom_type.scat_Cromer_Mann_c 
_atom_type.scat_source 
_atom_type.scat_dispersion_source 
C  ? ? 3.54356 2.42580 ? ? 25.62398 1.50364  ? ? 0.0 
;2-Gaussian fit: Grosse-Kunstleve RW, Sauter NK, Adams PD: Newsletter of the IUCr Commission on Crystallographic Computing 2004, 3, 22-31.
;
? 
MG ? ? 9.41153 2.53737 ? ? 2.59044  63.03566 ? ? 0.0 
;2-Gaussian fit: Grosse-Kunstleve RW, Sauter NK, Adams PD: Newsletter of the IUCr Commission on Crystallographic Computing 2004, 3, 22-31.
;
? 
N  ? ? 4.01032 2.96436 ? ? 19.97189 1.75589  ? ? 0.0 
;2-Gaussian fit: Grosse-Kunstleve RW, Sauter NK, Adams PD: Newsletter of the IUCr Commission on Crystallographic Computing 2004, 3, 22-31.
;
? 
O  ? ? 4.49882 3.47563 ? ? 15.80542 1.70748  ? ? 0.0 
;2-Gaussian fit: Grosse-Kunstleve RW, Sauter NK, Adams PD: Newsletter of the IUCr Commission on Crystallographic Computing 2004, 3, 22-31.
;
? 
P  ? ? 9.51135 5.44231 ? ? 1.42069  35.72801 ? ? 0.0 
;2-Gaussian fit: Grosse-Kunstleve RW, Sauter NK, Adams PD: Newsletter of the IUCr Commission on Crystallographic Computing 2004, 3, 22-31.
;
? 
# 
loop_
_atom_site.group_PDB 
_atom_site.id 
_atom_site.type_symbol 
_atom_site.label_atom_id 
_atom_site.label_alt_id 
_atom_site.label_comp_id 
_atom_site.label_asym_id 
_atom_site.label_entity_id 
_atom_site.label_seq_id 
_atom_site.pdbx_PDB_ins_code 
_atom_site.Cartn_x 
_atom_site.Cartn_y 
_atom_site.Cartn_z 
_atom_site.occupancy 
_atom_site.B_iso_or_equiv 
_atom_site.pdbx_formal_charge 
_atom_site.auth_seq_id 
_atom_site.auth_comp_id 
_atom_site.auth_asym_id 
_atom_site.auth_atom_id 
_atom_site.pdbx_PDB_model_num 
ATOM   1   O  "O5'" . A   A 1 1  ? 8.97911   10.41356  12.34570  1.000 34.02082 ? 1   A   A "O5'" 1 
ATOM   2   C  "C5'" . A   A 1 1  ? 10.22472  9.77956   12.59582  1.000 15.62852 ? 1   A   A "C5'" 1 
ATOM   3   C  "C4'" . A   A 1 1  ? 10.18330  8.97202   13.86713  1.000 19.27988 ? 1   A   A "C4'" 1 
ATOM   4   O  "O4'" . A   A 1 1  ? 9.84574   9.83562   14.98145  1.000 16.99311 ? 1   A   A "O4'" 1 
ATOM   5   C  "C3'" . A   A 1 1  ? 9.13563   7.87032   13.91783  1.000 12.09898 ? 1   A   A "C3'" 1 
ATOM   6   O  "O3'" . A   A 1 1  ? 9.56734   6.68268   13.28039  1.000 14.87129 ? 1   A   A "O3'" 1 
ATOM   7   C  "C2'" . A   A 1 1  ? 8.89759   7.70020   15.41166  1.000 13.28292 ? 1   A   A "C2'" 1 
ATOM   8   O  "O2'" . A   A 1 1  ? 9.93457   6.92478   15.99457  1.000 14.51276 ? 1   A   A "O2'" 1 
ATOM   9   C  "C1'" . A   A 1 1  ? 9.04039   9.13814   15.90735  1.000 16.44846 ? 1   A   A "C1'" 1 
ATOM   10  N  N9    . A   A 1 1  ? 7.74984   9.84301   16.01933  1.000 15.61791 ? 1   A   A N9    1 
ATOM   11  C  C8    . A   A 1 1  ? 7.32346   10.90523  15.26199  1.000 13.80760 ? 1   A   A C8    1 
ATOM   12  N  N7    . A   A 1 1  ? 6.13656   11.34830  15.59091  1.000 15.29628 ? 1   A   A N7    1 
ATOM   13  C  C5    . A   A 1 1  ? 5.75878   10.53235  16.64759  1.000 11.27253 ? 1   A   A C5    1 
ATOM   14  C  C6    . A   A 1 1  ? 4.59813   10.49402  17.43940  1.000 9.31363  ? 1   A   A C6    1 
ATOM   15  N  N6    . A   A 1 1  ? 3.56996   11.32793  17.28532  1.000 12.97631 ? 1   A   A N6    1 
ATOM   16  N  N1    . A   A 1 1  ? 4.53122   9.55741   18.40907  1.000 7.81127  ? 1   A   A N1    1 
ATOM   17  C  C2    . A   A 1 1  ? 5.56600   8.72131   18.55746  1.000 4.49264  ? 1   A   A C2    1 
ATOM   18  N  N3    . A   A 1 1  ? 6.71121   8.65708   17.87990  1.000 11.60212 ? 1   A   A N3    1 
ATOM   19  C  C4    . A   A 1 1  ? 6.74454   9.60244   16.92614  1.000 14.13050 ? 1   A   A C4    1 
ATOM   20  P  P     . DG  A 1 2  ? 8.50726   5.71923   12.55583  1.000 15.64157 ? 2   DG  A P     1 
ATOM   21  O  OP1   . DG  A 1 2  ? 9.27491   4.71879   11.78088  1.000 21.78867 ? 2   DG  A OP1   1 
ATOM   22  O  OP2   . DG  A 1 2  ? 7.50781   6.57621   11.88153  1.000 16.63434 ? 2   DG  A OP2   1 
ATOM   23  O  "O5'" . DG  A 1 2  ? 7.78217   4.96678   13.76382  1.000 14.37636 ? 2   DG  A "O5'" 1 
ATOM   24  C  "C5'" . DG  A 1 2  ? 8.50405   4.04610   14.55998  1.000 17.49086 ? 2   DG  A "C5'" 1 
ATOM   25  C  "C4'" . DG  A 1 2  ? 7.61792   3.47309   15.64824  1.000 13.14453 ? 2   DG  A "C4'" 1 
ATOM   26  O  "O4'" . DG  A 1 2  ? 7.31820   4.50551   16.62232  1.000 18.96445 ? 2   DG  A "O4'" 1 
ATOM   27  C  "C3'" . DG  A 1 2  ? 6.25771   2.99186   15.17557  1.000 14.15878 ? 2   DG  A "C3'" 1 
ATOM   28  O  "O3'" . DG  A 1 2  ? 6.33742   1.65928   14.70256  1.000 15.28592 ? 2   DG  A "O3'" 1 
ATOM   29  C  "C2'" . DG  A 1 2  ? 5.44395   3.08736   16.45563  1.000 9.34310  ? 2   DG  A "C2'" 1 
ATOM   30  C  "C1'" . DG  A 1 2  ? 5.96116   4.39705   17.03120  1.000 10.19131 ? 2   DG  A "C1'" 1 
ATOM   31  N  N9    . DG  A 1 2  ? 5.23486   5.57019   16.55014  1.000 11.41063 ? 2   DG  A N9    1 
ATOM   32  C  C8    . DG  A 1 2  ? 5.62681   6.43872   15.55949  1.000 7.75329  ? 2   DG  A C8    1 
ATOM   33  N  N7    . DG  A 1 2  ? 4.77497   7.40092   15.34261  1.000 12.28315 ? 2   DG  A N7    1 
ATOM   34  C  C5    . DG  A 1 2  ? 3.75027   7.15847   16.25090  1.000 5.63798  ? 2   DG  A C5    1 
ATOM   35  C  C6    . DG  A 1 2  ? 2.54918   7.87064   16.47995  1.000 6.28164  ? 2   DG  A C6    1 
ATOM   36  O  O6    . DG  A 1 2  ? 2.14378   8.89414   15.91467  1.000 10.10820 ? 2   DG  A O6    1 
ATOM   37  N  N1    . DG  A 1 2  ? 1.78751   7.28432   17.48903  1.000 8.07465  ? 2   DG  A N1    1 
ATOM   38  C  C2    . DG  A 1 2  ? 2.13857   6.15182   18.18173  1.000 4.58234  ? 2   DG  A C2    1 
ATOM   39  N  N2    . DG  A 1 2  ? 1.27029   5.73462   19.11749  1.000 8.02351  ? 2   DG  A N2    1 
ATOM   40  N  N3    . DG  A 1 2  ? 3.26296   5.47360   17.97713  1.000 8.83504  ? 2   DG  A N3    1 
ATOM   41  C  C4    . DG  A 1 2  ? 4.01623   6.03249   16.99777  1.000 6.42647  ? 2   DG  A C4    1 
ATOM   42  P  P     . A   A 1 3  ? 5.34859   1.16834   13.53396  1.000 15.12137 ? 3   A   A P     1 
ATOM   43  O  OP1   . A   A 1 3  ? 5.70663   -0.22412  13.16799  1.000 18.35853 ? 3   A   A OP1   1 
ATOM   44  O  OP2   . A   A 1 3  ? 5.29868   2.21519   12.48573  1.000 14.99893 ? 3   A   A OP2   1 
ATOM   45  O  "O5'" . A   A 1 3  ? 3.91419   1.15541   14.22598  1.000 11.81219 ? 3   A   A "O5'" 1 
ATOM   46  C  "C5'" . A   A 1 3  ? 3.65987   0.33170   15.35235  1.000 11.67650 ? 3   A   A "C5'" 1 
ATOM   47  C  "C4'" . A   A 1 3  ? 2.33669   0.66639   15.98828  1.000 12.25326 ? 3   A   A "C4'" 1 
ATOM   48  O  "O4'" . A   A 1 3  ? 2.38185   1.98824   16.58894  1.000 10.67491 ? 3   A   A "O4'" 1 
ATOM   49  C  "C3'" . A   A 1 3  ? 1.15042   0.74753   15.04798  1.000 12.78303 ? 3   A   A "C3'" 1 
ATOM   50  O  "O3'" . A   A 1 3  ? 0.65449   -0.51531  14.65867  1.000 9.10571  ? 3   A   A "O3'" 1 
ATOM   51  C  "C2'" . A   A 1 3  ? 0.16536   1.58126   15.84955  1.000 5.75888  ? 3   A   A "C2'" 1 
ATOM   52  O  "O2'" . A   A 1 3  ? -0.41951  0.80725   16.88713  1.000 10.51019 ? 3   A   A "O2'" 1 
ATOM   53  C  "C1'" . A   A 1 3  ? 1.10831   2.60122   16.48380  1.000 7.13013  ? 3   A   A "C1'" 1 
ATOM   54  N  N9    . A   A 1 3  ? 1.22571   3.80234   15.63814  1.000 6.23146  ? 3   A   A N9    1 
ATOM   55  C  C8    . A   A 1 3  ? 2.20923   4.12768   14.73624  1.000 6.09617  ? 3   A   A C8    1 
ATOM   56  N  N7    . A   A 1 3  ? 2.00398   5.27055   14.12539  1.000 6.81140  ? 3   A   A N7    1 
ATOM   57  C  C5    . A   A 1 3  ? 0.80517   5.72570   14.65780  1.000 6.87777  ? 3   A   A C5    1 
ATOM   58  C  C6    . A   A 1 3  ? 0.04275   6.88556   14.42285  1.000 8.51605  ? 3   A   A C6    1 
ATOM   59  N  N6    . A   A 1 3  ? 0.39454   7.84015   13.55806  1.000 9.75970  ? 3   A   A N6    1 
ATOM   60  N  N1    . A   A 1 3  ? -1.10568  7.03239   15.11947  1.000 6.08201  ? 3   A   A N1    1 
ATOM   61  C  C2    . A   A 1 3  ? -1.45758  6.07535   15.98564  1.000 5.83026  ? 3   A   A C2    1 
ATOM   62  N  N3    . A   A 1 3  ? -0.82630  4.94206   16.29338  1.000 8.96605  ? 3   A   A N3    1 
ATOM   63  C  C4    . A   A 1 3  ? 0.31187   4.82736   15.58363  1.000 5.17799  ? 3   A   A C4    1 
ATOM   64  P  P     . G   A 1 4  ? -0.03418  -0.68597  13.22157  1.000 11.29140 ? 4   G   A P     1 
ATOM   65  O  OP1   . G   A 1 4  ? -0.26402  -2.14036  13.02087  1.000 17.16077 ? 4   G   A OP1   1 
ATOM   66  O  OP2   . G   A 1 4  ? 0.75087   0.07971   12.22068  1.000 13.45949 ? 4   G   A OP2   1 
ATOM   67  O  "O5'" . G   A 1 4  ? -1.45056  0.02430   13.39248  1.000 9.16498  ? 4   G   A "O5'" 1 
ATOM   68  C  "C5'" . G   A 1 4  ? -2.40436  -0.49390  14.30549  1.000 7.05929  ? 4   G   A "C5'" 1 
ATOM   69  C  "C4'" . G   A 1 4  ? -3.61660  0.39298   14.42448  1.000 9.41050  ? 4   G   A "C4'" 1 
ATOM   70  O  "O4'" . G   A 1 4  ? -3.26055  1.65925   15.03732  1.000 12.67234 ? 4   G   A "O4'" 1 
ATOM   71  C  "C3'" . G   A 1 4  ? -4.28806  0.80682   13.12884  1.000 8.96210  ? 4   G   A "C3'" 1 
ATOM   72  O  "O3'" . G   A 1 4  ? -5.07118  -0.21276  12.54050  1.000 10.23848 ? 4   G   A "O3'" 1 
ATOM   73  C  "C2'" . G   A 1 4  ? -5.08361  2.02407   13.56843  1.000 11.57157 ? 4   G   A "C2'" 1 
ATOM   74  O  "O2'" . G   A 1 4  ? -6.22067  1.63271   14.32562  1.000 13.12167 ? 4   G   A "O2'" 1 
ATOM   75  C  "C1'" . G   A 1 4  ? -4.08115  2.68534   14.51007  1.000 16.93356 ? 4   G   A "C1'" 1 
ATOM   76  N  N9    . G   A 1 4  ? -3.23211  3.62254   13.76211  1.000 8.62926  ? 4   G   A N9    1 
ATOM   77  C  C8    . G   A 1 4  ? -1.95194  3.42859   13.30280  1.000 9.04029  ? 4   G   A C8    1 
ATOM   78  N  N7    . G   A 1 4  ? -1.48984  4.45606   12.64669  1.000 12.09457 ? 4   G   A N7    1 
ATOM   79  C  C5    . G   A 1 4  ? -2.53622  5.37239   12.66785  1.000 6.97511  ? 4   G   A C5    1 
ATOM   80  C  C6    . G   A 1 4  ? -2.63497  6.67558   12.12021  1.000 9.96078  ? 4   G   A C6    1 
ATOM   81  O  O6    . G   A 1 4  ? -1.78161  7.29987   11.48236  1.000 9.96922  ? 4   G   A O6    1 
ATOM   82  N  N1    . G   A 1 4  ? -3.87977  7.24751   12.37673  1.000 8.51581  ? 4   G   A N1    1 
ATOM   83  C  C2    . G   A 1 4  ? -4.89932  6.64584   13.07003  1.000 14.86629 ? 4   G   A C2    1 
ATOM   84  N  N2    . G   A 1 4  ? -6.02909  7.35152   13.21699  1.000 11.24579 ? 4   G   A N2    1 
ATOM   85  N  N3    . G   A 1 4  ? -4.81880  5.43243   13.58715  1.000 10.53172 ? 4   G   A N3    1 
ATOM   86  C  C4    . G   A 1 4  ? -3.62042  4.86633   13.34442  1.000 10.32214 ? 4   G   A C4    1 
ATOM   87  P  P     . A   A 1 5  ? -5.16183  -0.31999  10.94210  1.000 13.34801 ? 5   A   A P     1 
ATOM   88  O  OP1   . A   A 1 5  ? -5.89354  -1.56792  10.61716  1.000 15.34200 ? 5   A   A OP1   1 
ATOM   89  O  OP2   . A   A 1 5  ? -3.81442  -0.08135  10.36130  1.000 11.20220 ? 5   A   A OP2   1 
ATOM   90  O  "O5'" . A   A 1 5  ? -6.08118  0.91096   10.53087  1.000 14.63176 ? 5   A   A "O5'" 1 
ATOM   91  C  "C5'" . A   A 1 5  ? -7.38135  1.05551   11.07958  1.000 14.83874 ? 5   A   A "C5'" 1 
ATOM   92  C  "C4'" . A   A 1 5  ? -8.02313  2.34770   10.64885  1.000 12.01095 ? 5   A   A "C4'" 1 
ATOM   93  O  "O4'" . A   A 1 5  ? -7.35509  3.47742   11.26989  1.000 13.81521 ? 5   A   A "O4'" 1 
ATOM   94  C  "C3'" . A   A 1 5  ? -7.95075  2.66631   9.16814   1.000 10.15153 ? 5   A   A "C3'" 1 
ATOM   95  O  "O3'" . A   A 1 5  ? -8.86812  1.92732   8.38419   1.000 13.46350 ? 5   A   A "O3'" 1 
ATOM   96  C  "C2'" . A   A 1 5  ? -8.18253  4.16867   9.15742   1.000 15.80009 ? 5   A   A "C2'" 1 
ATOM   97  O  "O2'" . A   A 1 5  ? -9.55212  4.46994   9.38164   1.000 16.58832 ? 5   A   A "O2'" 1 
ATOM   98  C  "C1'" . A   A 1 5  ? -7.38387  4.58719   10.39023  1.000 11.91987 ? 5   A   A "C1'" 1 
ATOM   99  N  N9    . A   A 1 5  ? -6.00220  4.93088   10.01210  1.000 9.63456  ? 5   A   A N9    1 
ATOM   100 C  C8    . A   A 1 5  ? -4.86340  4.17526   10.13547  1.000 10.05849 ? 5   A   A C8    1 
ATOM   101 N  N7    . A   A 1 5  ? -3.78737  4.76651   9.67120   1.000 12.21572 ? 5   A   A N7    1 
ATOM   102 C  C5    . A   A 1 5  ? -4.25479  5.98813   9.20318   1.000 7.45486  ? 5   A   A C5    1 
ATOM   103 C  C6    . A   A 1 5  ? -3.61541  7.08266   8.59373   1.000 12.90946 ? 5   A   A C6    1 
ATOM   104 N  N6    . A   A 1 5  ? -2.30709  7.12514   8.33816   1.000 11.04315 ? 5   A   A N6    1 
ATOM   105 N  N1    . A   A 1 5  ? -4.37832  8.14325   8.24703   1.000 12.49373 ? 5   A   A N1    1 
ATOM   106 C  C2    . A   A 1 5  ? -5.69085  8.10336   8.50274   1.000 14.80519 ? 5   A   A C2    1 
ATOM   107 N  N3    . A   A 1 5  ? -6.40656  7.13435   9.07061   1.000 14.04133 ? 5   A   A N3    1 
ATOM   108 C  C4    . A   A 1 5  ? -5.61864  6.09678   9.39852   1.000 11.31548 ? 5   A   A C4    1 
ATOM   109 P  P     . A   A 1 6  ? -8.46007  1.47796   6.89806   1.000 15.31052 ? 6   A   A P     1 
ATOM   110 O  OP1   . A   A 1 6  ? -9.46253  0.48562   6.43478   1.000 24.12738 ? 6   A   A OP1   1 
ATOM   111 O  OP2   . A   A 1 6  ? -7.01904  1.12733   6.86720   1.000 15.50110 ? 6   A   A OP2   1 
ATOM   112 O  "O5'" . A   A 1 6  ? -8.65257  2.80444   6.04184   1.000 12.55195 ? 6   A   A "O5'" 1 
ATOM   113 C  "C5'" . A   A 1 6  ? -9.85181  3.55362   6.13954   1.000 14.64261 ? 6   A   A "C5'" 1 
ATOM   114 C  "C4'" . A   A 1 6  ? -9.70667  4.90332   5.49095   1.000 16.53745 ? 6   A   A "C4'" 1 
ATOM   115 O  "O4'" . A   A 1 6  ? -8.77666  5.72802   6.23673   1.000 13.55532 ? 6   A   A "O4'" 1 
ATOM   116 C  "C3'" . A   A 1 6  ? -9.13828  4.89444   4.08784   1.000 15.91960 ? 6   A   A "C3'" 1 
ATOM   117 O  "O3'" . A   A 1 6  ? -10.10772 4.53165   3.12586   1.000 22.93753 ? 6   A   A "O3'" 1 
ATOM   118 C  "C2'" . A   A 1 6  ? -8.61039  6.31601   3.93981   1.000 10.34309 ? 6   A   A "C2'" 1 
ATOM   119 O  "O2'" . A   A 1 6  ? -9.67380  7.21753   3.67517   1.000 12.57969 ? 6   A   A "O2'" 1 
ATOM   120 C  "C1'" . A   A 1 6  ? -8.08375  6.58504   5.35227   1.000 11.34515 ? 6   A   A "C1'" 1 
ATOM   121 N  N9    . A   A 1 6  ? -6.64013  6.30460   5.46254   1.000 10.75925 ? 6   A   A N9    1 
ATOM   122 C  C8    . A   A 1 6  ? -6.03015  5.17374   5.94674   1.000 10.69643 ? 6   A   A C8    1 
ATOM   123 N  N7    . A   A 1 6  ? -4.71983  5.22261   5.90951   1.000 12.69634 ? 6   A   A N7    1 
ATOM   124 C  C5    . A   A 1 6  ? -4.45053  6.47117   5.36532   1.000 11.94508 ? 6   A   A C5    1 
ATOM   125 C  C6    . A   A 1 6  ? -3.24921  7.13876   5.06531   1.000 13.41503 ? 6   A   A C6    1 
ATOM   126 N  N6    . A   A 1 6  ? -2.03955  6.61887   5.27534   1.000 12.26896 ? 6   A   A N6    1 
ATOM   127 N  N1    . A   A 1 6  ? -3.33341  8.37382   4.52535   1.000 10.73004 ? 6   A   A N1    1 
ATOM   128 C  C2    . A   A 1 6  ? -4.54351  8.90239   4.31490   1.000 11.91742 ? 6   A   A C2    1 
ATOM   129 N  N3    . A   A 1 6  ? -5.74356  8.37660   4.55518   1.000 12.12561 ? 6   A   A N3    1 
ATOM   130 C  C4    . A   A 1 6  ? -5.62425  7.14739   5.08477   1.000 10.34221 ? 6   A   A C4    1 
ATOM   131 P  P     . G   A 1 7  ? -9.65183  4.03492   1.67338   1.000 22.21083 ? 7   G   A P     1 
ATOM   132 O  OP1   . G   A 1 7  ? -10.82713 3.44682   0.98224   1.000 34.92501 ? 7   G   A OP1   1 
ATOM   133 O  OP2   . G   A 1 7  ? -8.38909  3.26661   1.78644   1.000 13.16966 ? 7   G   A OP2   1 
ATOM   134 O  "O5'" . G   A 1 7  ? -9.28256  5.38638   0.93371   1.000 26.08693 ? 7   G   A "O5'" 1 
ATOM   135 C  "C5'" . G   A 1 7  ? -8.22020  5.40423   0.00954   1.000 14.76803 ? 7   G   A "C5'" 1 
ATOM   136 C  "C4'" . G   A 1 7  ? -7.76153  6.80246   -0.27776  1.000 8.85334  ? 7   G   A "C4'" 1 
ATOM   137 O  "O4'" . G   A 1 7  ? -7.13596  7.37339   0.90209   1.000 11.88981 ? 7   G   A "O4'" 1 
ATOM   138 C  "C3'" . G   A 1 7  ? -6.69483  6.88589   -1.34912  1.000 12.73978 ? 7   G   A "C3'" 1 
ATOM   139 O  "O3'" . G   A 1 7  ? -7.25389  6.87177   -2.64693  1.000 11.35154 ? 7   G   A "O3'" 1 
ATOM   140 C  "C2'" . G   A 1 7  ? -5.95861  8.16605   -0.99368  1.000 7.75380  ? 7   G   A "C2'" 1 
ATOM   141 O  "O2'" . G   A 1 7  ? -6.70323  9.29920   -1.41514  1.000 9.62406  ? 7   G   A "O2'" 1 
ATOM   142 C  "C1'" . G   A 1 7  ? -5.98633  8.10309   0.53296   1.000 11.24928 ? 7   G   A "C1'" 1 
ATOM   143 N  N9    . G   A 1 7  ? -4.81869  7.38397   1.07515   1.000 9.06005  ? 7   G   A N9    1 
ATOM   144 C  C8    . G   A 1 7  ? -4.85042  6.17773   1.73227   1.000 9.88264  ? 7   G   A C8    1 
ATOM   145 N  N7    . G   A 1 7  ? -3.67355  5.75938   2.10980   1.000 10.78690 ? 7   G   A N7    1 
ATOM   146 C  C5    . G   A 1 7  ? -2.80926  6.75371   1.67475   1.000 7.23615  ? 7   G   A C5    1 
ATOM   147 C  C6    . G   A 1 7  ? -1.39928  6.85478   1.80111   1.000 10.04056 ? 7   G   A C6    1 
ATOM   148 O  O6    . G   A 1 7  ? -0.61770  6.05853   2.33705   1.000 13.09504 ? 7   G   A O6    1 
ATOM   149 N  N1    . G   A 1 7  ? -0.91900  8.02464   1.22457   1.000 8.43896  ? 7   G   A N1    1 
ATOM   150 C  C2    . G   A 1 7  ? -1.69261  8.97420   0.60348   1.000 6.34636  ? 7   G   A C2    1 
ATOM   151 N  N2    . G   A 1 7  ? -1.04349  10.03735  0.10506   1.000 9.69449  ? 7   G   A N2    1 
ATOM   152 N  N3    . G   A 1 7  ? -3.00863  8.89160   0.48221   1.000 8.10589  ? 7   G   A N3    1 
ATOM   153 C  C4    . G   A 1 7  ? -3.49754  7.76462   1.03766   1.000 11.14775 ? 7   G   A C4    1 
ATOM   154 P  P     . A   A 1 8  ? -6.49518  6.11405   -3.83537  1.000 11.86006 ? 8   A   A P     1 
ATOM   155 O  OP1   . A   A 1 8  ? -7.44308  6.00449   -4.97485  1.000 17.76137 ? 8   A   A OP1   1 
ATOM   156 O  OP2   . A   A 1 8  ? -5.84229  4.89082   -3.30170  1.000 11.95127 ? 8   A   A OP2   1 
ATOM   157 O  "O5'" . A   A 1 8  ? -5.34614  7.13680   -4.23599  1.000 10.53506 ? 8   A   A "O5'" 1 
ATOM   158 C  "C5'" . A   A 1 8  ? -5.66578  8.45992   -4.63668  1.000 13.41499 ? 8   A   A "C5'" 1 
ATOM   159 C  "C4'" . A   A 1 8  ? -4.41597  9.26083   -4.86846  1.000 13.39322 ? 8   A   A "C4'" 1 
ATOM   160 O  "O4'" . A   A 1 8  ? -3.74565  9.48387   -3.60123  1.000 12.06497 ? 8   A   A "O4'" 1 
ATOM   161 C  "C3'" . A   A 1 8  ? -3.36519  8.58380   -5.73230  1.000 14.31319 ? 8   A   A "C3'" 1 
ATOM   162 O  "O3'" . A   A 1 8  ? -3.62470  8.72927   -7.11717  1.000 15.16917 ? 8   A   A "O3'" 1 
ATOM   163 C  "C2'" . A   A 1 8  ? -2.07727  9.24680   -5.26692  1.000 11.43367 ? 8   A   A "C2'" 1 
ATOM   164 O  "O2'" . A   A 1 8  ? -1.95629  10.54854  -5.82262  1.000 15.15720 ? 8   A   A "O2'" 1 
ATOM   165 C  "C1'" . A   A 1 8  ? -2.34822  9.39540   -3.77158  1.000 14.33017 ? 8   A   A "C1'" 1 
ATOM   166 N  N9    . A   A 1 8  ? -1.87112  8.23721   -2.99201  1.000 11.33597 ? 8   A   A N9    1 
ATOM   167 C  C8    . A   A 1 8  ? -2.62257  7.19339   -2.50791  1.000 8.98047  ? 8   A   A C8    1 
ATOM   168 N  N7    . A   A 1 8  ? -1.92902  6.30823   -1.83435  1.000 10.51014 ? 8   A   A N7    1 
ATOM   169 C  C5    . A   A 1 8  ? -0.63481  6.80670   -1.87060  1.000 7.92895  ? 8   A   A C5    1 
ATOM   170 C  C6    . A   A 1 8  ? 0.57851   6.33459   -1.33724  1.000 7.81359  ? 8   A   A C6    1 
ATOM   171 N  N6    . A   A 1 8  ? 0.69330   5.20613   -0.63213  1.000 11.21916 ? 8   A   A N6    1 
ATOM   172 N  N1    . A   A 1 8  ? 1.69066   7.07113   -1.55730  1.000 10.97747 ? 8   A   A N1    1 
ATOM   173 C  C2    . A   A 1 8  ? 1.58273   8.20346   -2.26250  1.000 13.55459 ? 8   A   A C2    1 
ATOM   174 N  N3    . A   A 1 8  ? 0.50097   8.75190   -2.81306  1.000 11.72502 ? 8   A   A N3    1 
ATOM   175 C  C4    . A   A 1 8  ? -0.58486  7.99517   -2.57857  1.000 9.89656  ? 8   A   A C4    1 
ATOM   176 P  P     . U   A 1 9  ? -3.37112  7.50777   -8.13115  1.000 17.99932 ? 9   U   A P     1 
ATOM   177 O  OP1   . U   A 1 9  ? -4.00995  7.88119   -9.41788  1.000 21.70040 ? 9   U   A OP1   1 
ATOM   178 O  OP2   . U   A 1 9  ? -3.73147  6.22010   -7.48719  1.000 14.90181 ? 9   U   A OP2   1 
ATOM   179 O  "O5'" . U   A 1 9  ? -1.79757  7.52301   -8.35028  1.000 17.24280 ? 9   U   A "O5'" 1 
ATOM   180 C  "C5'" . U   A 1 9  ? -1.15118  8.69021   -8.82948  1.000 17.05332 ? 9   U   A "C5'" 1 
ATOM   181 C  "C4'" . U   A 1 9  ? 0.33045   8.64169   -8.56955  1.000 14.51730 ? 9   U   A "C4'" 1 
ATOM   182 O  "O4'" . U   A 1 9  ? 0.58807   8.71015   -7.14192  1.000 14.42910 ? 9   U   A "O4'" 1 
ATOM   183 C  "C3'" . U   A 1 9  ? 1.04023   7.37005   -8.99928  1.000 19.10845 ? 9   U   A "C3'" 1 
ATOM   184 O  "O3'" . U   A 1 9  ? 1.29899   7.31143   -10.38875 1.000 21.19493 ? 9   U   A "O3'" 1 
ATOM   185 C  "C2'" . U   A 1 9  ? 2.29311   7.39980   -8.14071  1.000 15.63120 ? 9   U   A "C2'" 1 
ATOM   186 O  "O2'" . U   A 1 9  ? 3.21699   8.34953   -8.64827  1.000 15.38491 ? 9   U   A "O2'" 1 
ATOM   187 C  "C1'" . U   A 1 9  ? 1.73105   7.93891   -6.82695  1.000 14.98216 ? 9   U   A "C1'" 1 
ATOM   188 N  N1    . U   A 1 9  ? 1.33618   6.83935   -5.91640  1.000 13.20441 ? 9   U   A N1    1 
ATOM   189 C  C2    . U   A 1 9  ? 2.34687   6.25316   -5.17899  1.000 10.59476 ? 9   U   A C2    1 
ATOM   190 O  O2    . U   A 1 9  ? 3.51128   6.61094   -5.25152  1.000 16.72854 ? 9   U   A O2    1 
ATOM   191 N  N3    . U   A 1 9  ? 1.95194   5.23136   -4.35162  1.000 12.59852 ? 9   U   A N3    1 
ATOM   192 C  C4    . U   A 1 9  ? 0.66878   4.74986   -4.19684  1.000 8.19684  ? 9   U   A C4    1 
ATOM   193 O  O4    . U   A 1 9  ? 0.46079   3.82524   -3.41095  1.000 11.37713 ? 9   U   A O4    1 
ATOM   194 C  C5    . U   A 1 9  ? -0.32115  5.40458   -4.99609  1.000 8.86502  ? 9   U   A C5    1 
ATOM   195 C  C6    . U   A 1 9  ? 0.03572   6.40202   -5.81194  1.000 11.11430 ? 9   U   A C6    1 
ATOM   196 P  P     . C   A 1 10 ? 1.24075   5.90066   -11.15415 1.000 22.58445 ? 10  C   A P     1 
ATOM   197 O  OP1   . C   A 1 10 ? 1.35559   6.18034   -12.60897 1.000 28.01688 ? 10  C   A OP1   1 
ATOM   198 O  OP2   . C   A 1 10 ? 0.07801   5.13362   -10.64080 1.000 22.32959 ? 10  C   A OP2   1 
ATOM   199 O  "O5'" . C   A 1 10 ? 2.56564   5.15107   -10.68272 1.000 18.49773 ? 10  C   A "O5'" 1 
ATOM   200 C  "C5'" . C   A 1 10 ? 3.84315   5.71377   -10.93464 1.000 19.31518 ? 10  C   A "C5'" 1 
ATOM   201 C  "C4'" . C   A 1 10 ? 4.92462   5.05885   -10.10976 1.000 20.27219 ? 10  C   A "C4'" 1 
ATOM   202 O  "O4'" . C   A 1 10 ? 4.66645   5.24705   -8.69209  1.000 17.53612 ? 10  C   A "O4'" 1 
ATOM   203 C  "C3'" . C   A 1 10 ? 5.06870   3.55331   -10.24470 1.000 17.23606 ? 10  C   A "C3'" 1 
ATOM   204 O  "O3'" . C   A 1 10 ? 5.72552   3.14729   -11.43110 1.000 17.28178 ? 10  C   A "O3'" 1 
ATOM   205 C  "C2'" . C   A 1 10 ? 5.82160   3.19398   -8.97307  1.000 12.47106 ? 10  C   A "C2'" 1 
ATOM   206 O  "O2'" . C   A 1 10 ? 7.18972   3.55263   -9.08563  1.000 17.94765 ? 10  C   A "O2'" 1 
ATOM   207 C  "C1'" . C   A 1 10 ? 5.16314   4.13743   -7.96798  1.000 15.00820 ? 10  C   A "C1'" 1 
ATOM   208 N  N1    . C   A 1 10 ? 4.04338   3.47413   -7.26423  1.000 11.39018 ? 10  C   A N1    1 
ATOM   209 C  C2    . C   A 1 10 ? 4.34938   2.61885   -6.19882  1.000 12.04054 ? 10  C   A C2    1 
ATOM   210 O  O2    . C   A 1 10 ? 5.53772   2.46006   -5.87388  1.000 12.57852 ? 10  C   A O2    1 
ATOM   211 N  N3    . C   A 1 10 ? 3.34479   1.99055   -5.54657  1.000 10.26704 ? 10  C   A N3    1 
ATOM   212 C  C4    . C   A 1 10 ? 2.08143   2.18578   -5.92069  1.000 10.36827 ? 10  C   A C4    1 
ATOM   213 N  N4    . C   A 1 10 ? 1.12252   1.54586   -5.24730  1.000 10.89741 ? 10  C   A N4    1 
ATOM   214 C  C5    . C   A 1 10 ? 1.74181   3.04393   -7.00637  1.000 11.33506 ? 10  C   A C5    1 
ATOM   215 C  C6    . C   A 1 10 ? 2.74404   3.66025   -7.64462  1.000 11.50392 ? 10  C   A C6    1 
ATOM   216 P  P     . U   A 1 11 ? 5.42731   1.69541   -12.05162 1.000 17.38562 ? 11  U   A P     1 
ATOM   217 O  OP1   . U   A 1 11 ? 6.07282   1.63172   -13.38823 1.000 17.03731 ? 11  U   A OP1   1 
ATOM   218 O  OP2   . U   A 1 11 ? 3.98042   1.39882   -11.91043 1.000 18.79895 ? 11  U   A OP2   1 
ATOM   219 O  "O5'" . U   A 1 11 ? 6.20660   0.69780   -11.08642 1.000 15.37260 ? 11  U   A "O5'" 1 
ATOM   220 C  "C5'" . U   A 1 11 ? 7.60307   0.83197   -10.88215 1.000 13.55768 ? 11  U   A "C5'" 1 
ATOM   221 C  "C4'" . U   A 1 11 ? 8.09331   -0.10315  -9.80878  1.000 14.15057 ? 11  U   A "C4'" 1 
ATOM   222 O  "O4'" . U   A 1 11 ? 7.53554   0.27197   -8.52240  1.000 15.89272 ? 11  U   A "O4'" 1 
ATOM   223 C  "C3'" . U   A 1 11 ? 7.69183   -1.55824  -9.96296  1.000 11.40253 ? 11  U   A "C3'" 1 
ATOM   224 O  "O3'" . U   A 1 11 ? 8.47981   -2.25363  -10.91102 1.000 11.03634 ? 11  U   A "O3'" 1 
ATOM   225 C  "C2'" . U   A 1 11 ? 7.83310   -2.08459  -8.54121  1.000 10.70571 ? 11  U   A "C2'" 1 
ATOM   226 O  "O2'" . U   A 1 11 ? 9.19761   -2.30636  -8.22207  1.000 14.53646 ? 11  U   A "O2'" 1 
ATOM   227 C  "C1'" . U   A 1 11 ? 7.34491   -0.88446  -7.73030  1.000 10.69879 ? 11  U   A "C1'" 1 
ATOM   228 N  N1    . U   A 1 11 ? 5.91253   -1.00401  -7.37557  1.000 9.96858  ? 11  U   A N1    1 
ATOM   229 C  C2    . U   A 1 11 ? 5.59980   -1.83915  -6.31653  1.000 4.70051  ? 11  U   A C2    1 
ATOM   230 O  O2    . U   A 1 11 ? 6.43609   -2.45935  -5.68519  1.000 13.21611 ? 11  U   A O2    1 
ATOM   231 N  N3    . U   A 1 11 ? 4.26749   -1.92381  -6.01838  1.000 8.72050  ? 11  U   A N3    1 
ATOM   232 C  C4    . U   A 1 11 ? 3.23263   -1.27675  -6.65422  1.000 13.19313 ? 11  U   A C4    1 
ATOM   233 O  O4    . U   A 1 11 ? 2.08090   -1.46285  -6.26165  1.000 18.27830 ? 11  U   A O4    1 
ATOM   234 C  C5    . U   A 1 11 ? 3.63260   -0.43463  -7.74110  1.000 14.40674 ? 11  U   A C5    1 
ATOM   235 C  C6    . U   A 1 11 ? 4.92799   -0.32875  -8.05640  1.000 8.27528  ? 11  U   A C6    1 
ATOM   236 P  P     . U   A 1 12 ? 7.85784   -3.48486  -11.73327 1.000 15.69690 ? 12  U   A P     1 
ATOM   237 O  OP1   . U   A 1 12 ? 8.82604   -3.84149  -12.80134 1.000 23.64065 ? 12  U   A OP1   1 
ATOM   238 O  OP2   . U   A 1 12 ? 6.45297   -3.16200  -12.09290 1.000 14.92666 ? 12  U   A OP2   1 
ATOM   239 O  "O5'" . U   A 1 12 ? 7.82348   -4.67176  -10.67540 1.000 10.04237 ? 12  U   A "O5'" 1 
ATOM   240 C  "C5'" . U   A 1 12 ? 9.02117   -5.16530  -10.09892 1.000 9.97036  ? 12  U   A "C5'" 1 
ATOM   241 C  "C4'" . U   A 1 12 ? 8.73718   -6.25898  -9.10338  1.000 9.51431  ? 12  U   A "C4'" 1 
ATOM   242 O  "O4'" . U   A 1 12 ? 8.10468   -5.70083  -7.92241  1.000 12.06902 ? 12  U   A "O4'" 1 
ATOM   243 C  "C3'" . U   A 1 12 ? 7.76672   -7.33444  -9.56023  1.000 9.58324  ? 12  U   A "C3'" 1 
ATOM   244 O  "O3'" . U   A 1 12 ? 8.36472   -8.29803  -10.40833 1.000 10.90288 ? 12  U   A "O3'" 1 
ATOM   245 C  "C2'" . U   A 1 12 ? 7.26231   -7.89788  -8.24048  1.000 11.35125 ? 12  U   A "C2'" 1 
ATOM   246 O  "O2'" . U   A 1 12 ? 8.23979   -8.75237  -7.66342  1.000 12.77963 ? 12  U   A "O2'" 1 
ATOM   247 C  "C1'" . U   A 1 12 ? 7.17621   -6.62660  -7.39373  1.000 11.34762 ? 12  U   A "C1'" 1 
ATOM   248 N  N1    . U   A 1 12 ? 5.82701   -6.01488  -7.43660  1.000 12.64649 ? 12  U   A N1    1 
ATOM   249 C  C2    . U   A 1 12 ? 4.85858   -6.53157  -6.59759  1.000 13.01567 ? 12  U   A C2    1 
ATOM   250 O  O2    . U   A 1 12 ? 5.07298   -7.46072  -5.83900  1.000 15.26702 ? 12  U   A O2    1 
ATOM   251 N  N3    . U   A 1 12 ? 3.63031   -5.92104  -6.68130  1.000 10.15032 ? 12  U   A N3    1 
ATOM   252 C  C4    . U   A 1 12 ? 3.27900   -4.86530  -7.49751  1.000 10.54508 ? 12  U   A C4    1 
ATOM   253 O  O4    . U   A 1 12 ? 2.12896   -4.42242  -7.45975  1.000 14.40565 ? 12  U   A O4    1 
ATOM   254 C  C5    . U   A 1 12 ? 4.33257   -4.38821  -8.33865  1.000 10.22474 ? 12  U   A C5    1 
ATOM   255 C  C6    . U   A 1 12 ? 5.53939   -4.96245  -8.27674  1.000 9.38556  ? 12  U   A C6    1 
ATOM   256 P  P     . C   A 1 13 ? 7.52246   -8.94554  -11.61191 1.000 13.56445 ? 13  C   A P     1 
ATOM   257 O  OP1   . C   A 1 13 ? 8.47335   -9.69806  -12.47064 1.000 16.34807 ? 13  C   A OP1   1 
ATOM   258 O  OP2   . C   A 1 13 ? 6.66642   -7.89463  -12.21752 1.000 18.15180 ? 13  C   A OP2   1 
ATOM   259 O  "O5'" . C   A 1 13 ? 6.55796   -9.98432  -10.88733 1.000 11.83044 ? 13  C   A "O5'" 1 
ATOM   260 C  "C5'" . C   A 1 13 ? 7.09355   -11.10254 -10.20169 1.000 9.34634  ? 13  C   A "C5'" 1 
ATOM   261 C  "C4'" . C   A 1 13 ? 6.06066   -11.78801 -9.34538  1.000 10.62250 ? 13  C   A "C4'" 1 
ATOM   262 O  "O4'" . C   A 1 13 ? 5.55876   -10.88059 -8.32868  1.000 13.96789 ? 13  C   A "O4'" 1 
ATOM   263 C  "C3'" . C   A 1 13 ? 4.80393   -12.26497 -10.05030 1.000 9.03597  ? 13  C   A "C3'" 1 
ATOM   264 O  "O3'" . C   A 1 13 ? 4.99683   -13.46218 -10.78156 1.000 10.06709 ? 13  C   A "O3'" 1 
ATOM   265 C  "C2'" . C   A 1 13 ? 3.82660   -12.40502 -8.89275  1.000 9.33025  ? 13  C   A "C2'" 1 
ATOM   266 O  "O2'" . C   A 1 13 ? 4.10865   -13.58104 -8.14899  1.000 12.08642 ? 13  C   A "O2'" 1 
ATOM   267 C  "C1'" . C   A 1 13 ? 4.21097   -11.19706 -8.03541  1.000 11.95790 ? 13  C   A "C1'" 1 
ATOM   268 N  N1    . C   A 1 13 ? 3.36060   -10.01774 -8.32559  1.000 9.14541  ? 13  C   A N1    1 
ATOM   269 C  C2    . C   A 1 13 ? 2.08695   -9.95655  -7.75014  1.000 7.67562  ? 13  C   A C2    1 
ATOM   270 O  O2    . C   A 1 13 ? 1.70957   -10.88250 -7.01572  1.000 15.14672 ? 13  C   A O2    1 
ATOM   271 N  N3    . C   A 1 13 ? 1.29198   -8.89224  -8.00565  1.000 15.78821 ? 13  C   A N3    1 
ATOM   272 C  C4    . C   A 1 13 ? 1.71819   -7.90957  -8.79770  1.000 7.80370  ? 13  C   A C4    1 
ATOM   273 N  N4    . C   A 1 13 ? 0.89700   -6.87762  -9.01782  1.000 12.59947 ? 13  C   A N4    1 
ATOM   274 C  C5    . C   A 1 13 ? 3.01005   -7.94235  -9.40124  1.000 11.08580 ? 13  C   A C5    1 
ATOM   275 C  C6    . C   A 1 13 ? 3.78677   -9.00291  -9.13866  1.000 8.15728  ? 13  C   A C6    1 
ATOM   276 P  P     . U   A 1 14 ? 4.16171   -13.73363 -12.12590 1.000 10.53617 ? 14  U   A P     1 
ATOM   277 O  OP1   . U   A 1 14 ? 4.73904   -14.93950 -12.77447 1.000 15.85810 ? 14  U   A OP1   1 
ATOM   278 O  OP2   . U   A 1 14 ? 4.06049   -12.45690 -12.87813 1.000 12.34770 ? 14  U   A OP2   1 
ATOM   279 O  "O5'" . U   A 1 14 ? 2.70302   -14.11082 -11.60873 1.000 8.30938  ? 14  U   A "O5'" 1 
ATOM   280 C  "C5'" . U   A 1 14 ? 2.48384   -15.32428 -10.90724 1.000 6.47455  ? 14  U   A "C5'" 1 
ATOM   281 C  "C4'" . U   A 1 14 ? 1.11934   -15.37017 -10.26518 1.000 3.46392  ? 14  U   A "C4'" 1 
ATOM   282 O  "O4'" . U   A 1 14 ? 0.93534   -14.22871 -9.39015  1.000 8.00495  ? 14  U   A "O4'" 1 
ATOM   283 C  "C3'" . U   A 1 14 ? -0.08064  -15.31395 -11.19553 1.000 6.88607  ? 14  U   A "C3'" 1 
ATOM   284 O  "O3'" . U   A 1 14 ? -0.35942  -16.56218 -11.80144 1.000 7.60254  ? 14  U   A "O3'" 1 
ATOM   285 C  "C2'" . U   A 1 14 ? -1.18462  -14.84431 -10.26137 1.000 5.74218  ? 14  U   A "C2'" 1 
ATOM   286 O  "O2'" . U   A 1 14 ? -1.60998  -15.91861 -9.43453  1.000 8.27325  ? 14  U   A "O2'" 1 
ATOM   287 C  "C1'" . U   A 1 14 ? -0.42730  -13.85145 -9.38198  1.000 7.19164  ? 14  U   A "C1'" 1 
ATOM   288 N  N1    . U   A 1 14 ? -0.53919  -12.45836 -9.86940  1.000 7.12717  ? 14  U   A N1    1 
ATOM   289 C  C2    . U   A 1 14 ? -1.73471  -11.79205 -9.66942  1.000 4.90656  ? 14  U   A C2    1 
ATOM   290 O  O2    . U   A 1 14 ? -2.70172  -12.30389 -9.13101  1.000 6.45381  ? 14  U   A O2    1 
ATOM   291 N  N3    . U   A 1 14 ? -1.76218  -10.49959 -10.13676 1.000 5.94582  ? 14  U   A N3    1 
ATOM   292 C  C4    . U   A 1 14 ? -0.73201  -9.82152  -10.75783 1.000 7.15487  ? 14  U   A C4    1 
ATOM   293 O  O4    . U   A 1 14 ? -0.90670  -8.65761  -11.12029 1.000 7.83548  ? 14  U   A O4    1 
ATOM   294 C  C5    . U   A 1 14 ? 0.47179   -10.57654 -10.92161 1.000 10.10816 ? 14  U   A C5    1 
ATOM   295 C  C6    . U   A 1 14 ? 0.52708   -11.83544 -10.47774 1.000 8.11149  ? 14  U   A C6    1 
ATOM   296 P  P     . C   A 1 15 ? -1.10213  -16.63893 -13.22320 1.000 9.36821  ? 15  C   A P     1 
ATOM   297 O  OP1   . C   A 1 15 ? -0.98069  -18.03880 -13.71000 1.000 10.02398 ? 15  C   A OP1   1 
ATOM   298 O  OP2   . C   A 1 15 ? -0.61817  -15.51876 -14.06942 1.000 10.36845 ? 15  C   A OP2   1 
ATOM   299 O  "O5'" . C   A 1 15 ? -2.63150  -16.34698 -12.88768 1.000 7.43867  ? 15  C   A "O5'" 1 
ATOM   300 C  "C5'" . C   A 1 15 ? -3.37011  -17.20045 -12.02700 1.000 13.10598 ? 15  C   A "C5'" 1 
ATOM   301 C  "C4'" . C   A 1 15 ? -4.67234  -16.56189 -11.61993 1.000 7.09280  ? 15  C   A "C4'" 1 
ATOM   302 O  "O4'" . C   A 1 15 ? -4.40826  -15.31952 -10.91878 1.000 6.34938  ? 15  C   A "O4'" 1 
ATOM   303 C  "C3'" . C   A 1 15 ? -5.59344  -16.15413 -12.75880 1.000 9.20687  ? 15  C   A "C3'" 1 
ATOM   304 O  "O3'" . C   A 1 15 ? -6.35726  -17.23558 -13.25955 1.000 8.29740  ? 15  C   A "O3'" 1 
ATOM   305 C  "C2'" . C   A 1 15 ? -6.43764  -15.05777 -12.12520 1.000 8.78257  ? 15  C   A "C2'" 1 
ATOM   306 O  "O2'" . C   A 1 15 ? -7.44099  -15.62666 -11.29648 1.000 10.89903 ? 15  C   A "O2'" 1 
ATOM   307 C  "C1'" . C   A 1 15 ? -5.41325  -14.37342 -11.22158 1.000 6.81311  ? 15  C   A "C1'" 1 
ATOM   308 N  N1    . C   A 1 15 ? -4.77855  -13.19107 -11.85235 1.000 8.64108  ? 15  C   A N1    1 
ATOM   309 C  C2    . C   A 1 15 ? -5.47284  -11.97593 -11.88652 1.000 9.63316  ? 15  C   A C2    1 
ATOM   310 O  O2    . C   A 1 15 ? -6.61716  -11.92005 -11.41460 1.000 10.59989 ? 15  C   A O2    1 
ATOM   311 N  N3    . C   A 1 15 ? -4.88679  -10.89161 -12.44602 1.000 6.14412  ? 15  C   A N3    1 
ATOM   312 C  C4    . C   A 1 15 ? -3.65557  -10.98363 -12.94850 1.000 11.03745 ? 15  C   A C4    1 
ATOM   313 N  N4    . C   A 1 15 ? -3.11168  -9.88833  -13.48739 1.000 11.24603 ? 15  C   A N4    1 
ATOM   314 C  C5    . C   A 1 15 ? -2.91964  -12.20296 -12.92154 1.000 7.02086  ? 15  C   A C5    1 
ATOM   315 C  C6    . C   A 1 15 ? -3.51166  -13.26777 -12.36500 1.000 10.80510 ? 15  C   A C6    1 
ATOM   316 P  P     . U   A 1 16 ? -6.77392  -17.28383 -14.80729 1.000 11.63593 ? 16  U   A P     1 
ATOM   317 O  OP1   . U   A 1 16 ? -7.54203  -18.53362 -15.03768 1.000 13.36343 ? 16  U   A OP1   1 
ATOM   318 O  OP2   . U   A 1 16 ? -5.57012  -16.98829 -15.62339 1.000 12.33350 ? 16  U   A OP2   1 
ATOM   319 O  "O5'" . U   A 1 16 ? -7.76575  -16.04987 -14.97997 1.000 9.23302  ? 16  U   A "O5'" 1 
ATOM   320 C  "C5'" . U   A 1 16 ? -9.07393  -16.08755 -14.43148 1.000 7.17021  ? 16  U   A "C5'" 1 
ATOM   321 C  "C4'" . U   A 1 16 ? -9.79655  -14.78086 -14.64322 1.000 5.38745  ? 16  U   A "C4'" 1 
ATOM   322 O  "O4'" . U   A 1 16 ? -9.08615  -13.70884 -13.96959 1.000 6.80828  ? 16  U   A "O4'" 1 
ATOM   323 C  "C3'" . U   A 1 16 ? -9.90217  -14.29735 -16.07944 1.000 8.44237  ? 16  U   A "C3'" 1 
ATOM   324 O  "O3'" . U   A 1 16 ? -10.92493 -14.94649 -16.81603 1.000 10.41417 ? 16  U   A "O3'" 1 
ATOM   325 C  "C2'" . U   A 1 16 ? -10.12619 -12.80092 -15.90455 1.000 9.46072  ? 16  U   A "C2'" 1 
ATOM   326 O  "O2'" . U   A 1 16 ? -11.47444 -12.53206 -15.54852 1.000 9.89756  ? 16  U   A "O2'" 1 
ATOM   327 C  "C1'" . U   A 1 16 ? -9.24340  -12.50445 -14.69166 1.000 7.09943  ? 16  U   A "C1'" 1 
ATOM   328 N  N1    . U   A 1 16 ? -7.90920  -11.99549 -15.08375 1.000 3.67889  ? 16  U   A N1    1 
ATOM   329 C  C2    . U   A 1 16 ? -7.81550  -10.64189 -15.33675 1.000 7.91867  ? 16  U   A C2    1 
ATOM   330 O  O2    . U   A 1 16 ? -8.77180  -9.88610  -15.25035 1.000 7.82949  ? 16  U   A O2    1 
ATOM   331 N  N3    . U   A 1 16 ? -6.56338  -10.20933 -15.69659 1.000 9.85726  ? 16  U   A N3    1 
ATOM   332 C  C4    . U   A 1 16 ? -5.42370  -10.97593 -15.82689 1.000 9.68532  ? 16  U   A C4    1 
ATOM   333 O  O4    . U   A 1 16 ? -4.36486  -10.43817 -16.16347 1.000 15.49764 ? 16  U   A O4    1 
ATOM   334 C  C5    . U   A 1 16 ? -5.60540  -12.36834 -15.54845 1.000 10.37480 ? 16  U   A C5    1 
ATOM   335 C  C6    . U   A 1 16 ? -6.81457  -12.82169 -15.19351 1.000 5.41883  ? 16  U   A C6    1 
HETATM 336 MG MG    . MG  B 2 .  ? -1.90114  2.50608   4.64272   1.000 20.07846 ? 101 MG  A MG    1 
HETATM 337 MG MG    . MG  C 2 .  ? 2.12662   5.85394   10.11397  1.000 27.21187 ? 102 MG  A MG    1 
HETATM 338 O  O     . HOH D 3 .  ? 2.05327   -12.78771 -6.20830  1.000 34.28853 ? 201 HOH A O     1 
HETATM 339 O  O     . HOH D 3 .  ? 5.00992   -15.83417 -14.80679 1.000 31.55535 ? 202 HOH A O     1 
HETATM 340 O  O     . HOH D 3 .  ? 8.07050   -10.53412 -6.24733  1.000 29.60336 ? 203 HOH A O     1 
HETATM 341 O  O     . HOH D 3 .  ? -7.67446  9.58860   4.07670   1.000 30.60429 ? 204 HOH A O     1 
HETATM 342 O  O     . HOH D 3 .  ? 9.87643   6.33389   18.26386  1.000 25.88900 ? 205 HOH A O     1 
HETATM 343 O  O     . HOH D 3 .  ? -11.37342 -0.11559  7.77160   1.000 34.50469 ? 206 HOH A O     1 
HETATM 344 O  O     . HOH D 3 .  ? -4.23226  6.20096   -11.19722 1.000 31.55529 ? 207 HOH A O     1 
HETATM 345 O  O     . HOH D 3 .  ? -0.04524  12.09369  -5.61465  1.000 25.32896 ? 208 HOH A O     1 
HETATM 346 O  O     . HOH D 3 .  ? -8.85892  7.42228   8.85388   1.000 25.27913 ? 209 HOH A O     1 
HETATM 347 O  O     . HOH D 3 .  ? 0.52977   7.23679   10.47199  1.000 27.00742 ? 210 HOH A O     1 
HETATM 348 O  O     . HOH D 3 .  ? -1.27313  -3.72785  11.26503  1.000 27.44206 ? 211 HOH A O     1 
HETATM 349 O  O     . HOH D 3 .  ? -0.20829  -0.83759  -7.32828  1.000 30.54342 ? 212 HOH A O     1 
HETATM 350 O  O     . HOH D 3 .  ? 9.37417   -8.66120  -14.68739 1.000 27.07598 ? 213 HOH A O     1 
HETATM 351 O  O     . HOH D 3 .  ? 4.28426   -2.18954  -11.00067 1.000 25.19329 ? 214 HOH A O     1 
HETATM 352 O  O     . HOH D 3 .  ? 2.08261   -11.95322 -14.53337 1.000 23.87390 ? 215 HOH A O     1 
HETATM 353 O  O     . HOH D 3 .  ? 2.18413   2.25054   11.77503  1.000 23.35701 ? 216 HOH A O     1 
HETATM 354 O  O     . HOH D 3 .  ? 8.76854   3.01726   9.82781   1.000 33.24826 ? 217 HOH A O     1 
HETATM 355 O  O     . HOH D 3 .  ? 0.72473   -7.43191  -12.80067 1.000 18.60128 ? 218 HOH A O     1 
HETATM 356 O  O     . HOH D 3 .  ? 11.31273  -1.88827  -9.76155  1.000 16.59794 ? 219 HOH A O     1 
HETATM 357 O  O     . HOH D 3 .  ? 7.39698   7.07026   9.27471   1.000 39.77460 ? 220 HOH A O     1 
HETATM 358 O  O     . HOH D 3 .  ? -1.07377  -20.11084 -12.04840 1.000 32.96289 ? 221 HOH A O     1 
HETATM 359 O  O     . HOH D 3 .  ? 5.36642   -15.85044 -8.75276  0.330 11.96115 ? 222 HOH A O     1 
HETATM 360 O  O     . HOH D 3 .  ? 4.89236   -5.94461  -11.81715 1.000 19.19413 ? 223 HOH A O     1 
HETATM 361 O  O     . HOH D 3 .  ? -0.20524  -3.92186  15.00524  1.000 27.61312 ? 224 HOH A O     1 
HETATM 362 O  O     . HOH D 3 .  ? 3.71273   -9.82296  -12.62550 1.000 19.85562 ? 225 HOH A O     1 
HETATM 363 O  O     . HOH D 3 .  ? 5.61303   4.48488   11.11540  1.000 33.43714 ? 226 HOH A O     1 
HETATM 364 O  O     . HOH D 3 .  ? 4.91246   8.64528   12.94604  1.000 24.55574 ? 227 HOH A O     1 
HETATM 365 O  O     . HOH D 3 .  ? -11.24148 -8.90793  -15.79575 1.000 18.54041 ? 228 HOH A O     1 
HETATM 366 O  O     . HOH D 3 .  ? -12.30812 5.12375   -0.56330  0.330 26.70630 ? 229 HOH A O     1 
HETATM 367 O  O     . HOH D 3 .  ? -2.62349  3.53192   6.35915   1.000 21.01643 ? 230 HOH A O     1 
HETATM 368 O  O     . HOH D 3 .  ? -1.22591  0.78949   10.20495  1.000 20.20768 ? 231 HOH A O     1 
HETATM 369 O  O     . HOH D 3 .  ? -1.46361  2.13949   -2.41027  1.000 19.26939 ? 232 HOH A O     1 
HETATM 370 O  O     . HOH D 3 .  ? 8.65674   -6.10133  -14.35801 1.000 30.79162 ? 233 HOH A O     1 
HETATM 371 O  O     . HOH D 3 .  ? -1.94101  3.07169   17.97581  1.000 16.83287 ? 234 HOH A O     1 
HETATM 372 O  O     . HOH D 3 .  ? -0.05932  -1.88552  17.36168  1.000 20.76966 ? 235 HOH A O     1 
HETATM 373 O  O     . HOH D 3 .  ? -1.43550  4.35834   -8.46002  1.000 27.55876 ? 236 HOH A O     1 
HETATM 374 O  O     . HOH D 3 .  ? 2.91680   6.62834   11.89262  1.000 13.59175 ? 237 HOH A O     1 
HETATM 375 O  O     . HOH D 3 .  ? -8.87710  -2.22589  6.42662   1.000 26.99884 ? 238 HOH A O     1 
HETATM 376 O  O     . HOH D 3 .  ? -3.29002  3.27758   3.29746   1.000 15.73835 ? 239 HOH A O     1 
HETATM 377 O  O     . HOH D 3 .  ? -0.53539  4.14890   4.36271   1.000 18.70556 ? 240 HOH A O     1 
HETATM 378 O  O     . HOH D 3 .  ? 7.95939   6.63680   19.35944  1.000 25.50829 ? 241 HOH A O     1 
HETATM 379 O  O     . HOH D 3 .  ? -1.45009  3.38123   9.00045   1.000 16.95893 ? 242 HOH A O     1 
HETATM 380 O  O     . HOH D 3 .  ? 2.68820   10.68198  13.82741  1.000 17.51897 ? 243 HOH A O     1 
HETATM 381 O  O     . HOH D 3 .  ? -3.86450  4.18458   -1.43761  1.000 20.16916 ? 244 HOH A O     1 
HETATM 382 O  O     . HOH D 3 .  ? 3.75886   3.19383   19.54459  1.000 14.42287 ? 245 HOH A O     1 
HETATM 383 O  O     . HOH D 3 .  ? 9.55959   -1.83298  -14.64511 1.000 26.02690 ? 246 HOH A O     1 
HETATM 384 O  O     . HOH D 3 .  ? 6.22015   -12.17465 -14.68368 1.000 11.35402 ? 247 HOH A O     1 
HETATM 385 O  O     . HOH D 3 .  ? -10.94849 1.07377   -0.55904  1.000 24.42124 ? 248 HOH A O     1 
HETATM 386 O  O     . HOH D 3 .  ? 4.23454   -2.52311  12.39539  1.000 35.11588 ? 249 HOH A O     1 
HETATM 387 O  O     . HOH D 3 .  ? -11.93563 6.76507   2.01424   0.330 15.91522 ? 250 HOH A O     1 
HETATM 388 O  O     . HOH D 3 .  ? 0.40818   -2.80089  -9.04331  1.000 32.54564 ? 251 HOH A O     1 
HETATM 389 O  O     . HOH D 3 .  ? -8.62517  7.56311   -7.04327  1.000 32.34756 ? 252 HOH A O     1 
HETATM 390 O  O     . HOH D 3 .  ? -1.87692  -11.67508 -16.78539 1.000 16.99223 ? 253 HOH A O     1 
HETATM 391 O  O     . HOH D 3 .  ? -4.38502  1.33207   7.95436   1.000 20.22757 ? 254 HOH A O     1 
HETATM 392 O  O     . HOH D 3 .  ? -6.84693  -16.38002 -8.61210  1.000 22.40893 ? 255 HOH A O     1 
HETATM 393 O  O     . HOH D 3 .  ? -3.56781  -14.97675 -16.08611 1.000 25.06406 ? 256 HOH A O     1 
HETATM 394 O  O     . HOH D 3 .  ? 0.95339   4.25768   11.12575  1.000 27.21652 ? 257 HOH A O     1 
HETATM 395 O  O     . HOH D 3 .  ? -3.67549  4.48775   -5.16780  1.000 19.18440 ? 258 HOH A O     1 
HETATM 396 O  O     . HOH D 3 .  ? 8.99743   2.83049   -6.95166  1.000 32.78747 ? 259 HOH A O     1 
HETATM 397 O  O     . HOH D 3 .  ? 2.35371   -2.02460  11.02342  1.000 31.69327 ? 260 HOH A O     1 
HETATM 398 O  O     . HOH D 3 .  ? -1.06338  3.15864   0.48485   1.000 25.85994 ? 261 HOH A O     1 
HETATM 399 O  O     . HOH D 3 .  ? 11.63789  -4.70159  -12.93795 1.000 32.79026 ? 262 HOH A O     1 
HETATM 400 O  O     . HOH D 3 .  ? -8.86862  9.79630   -3.35357  1.000 19.23446 ? 263 HOH A O     1 
HETATM 401 O  O     . HOH D 3 .  ? -0.39576  -10.27606 -14.57467 1.000 14.53180 ? 264 HOH A O     1 
HETATM 402 O  O     . HOH D 3 .  ? 5.03089   -17.41219 -11.18340 0.330 9.82613  ? 265 HOH A O     1 
HETATM 403 O  O     . HOH D 3 .  ? -1.61962  2.03985   -6.24467  1.000 24.13030 ? 266 HOH A O     1 
HETATM 404 O  O     . HOH D 3 .  ? 1.87391   -5.04774  -11.19309 1.000 21.86632 ? 267 HOH A O     1 
HETATM 405 O  O     . HOH D 3 .  ? -4.16904  11.66639  -7.76334  1.000 27.04882 ? 268 HOH A O     1 
HETATM 406 O  O     . HOH D 3 .  ? 11.03846  -8.08674  -11.87634 1.000 31.70799 ? 269 HOH A O     1 
HETATM 407 O  O     . HOH D 3 .  ? 9.27627   -1.40008  -4.93270  1.000 34.21769 ? 270 HOH A O     1 
HETATM 408 O  O     . HOH D 3 .  ? 5.38631   -2.90478  14.96143  1.000 27.93020 ? 271 HOH A O     1 
HETATM 409 O  O     . HOH D 3 .  ? -5.67414  2.05953   4.04930   1.000 27.41005 ? 272 HOH A O     1 
HETATM 410 O  O     . HOH D 3 .  ? 10.24443  3.82634   18.03682  1.000 17.80788 ? 273 HOH A O     1 
HETATM 411 O  O     . HOH D 3 .  ? -11.39713 9.16414   5.78149   0.330 16.52498 ? 274 HOH A O     1 
HETATM 412 O  O     . HOH D 3 .  ? 8.87836   -0.32579  15.69478  0.330 28.97696 ? 275 HOH A O     1 
HETATM 413 O  O     . HOH D 3 .  ? 2.24782   9.74755   11.35322  1.000 32.90923 ? 276 HOH A O     1 
HETATM 414 O  O     . HOH D 3 .  ? 7.51164   -0.34523  10.18256  1.000 31.03710 ? 277 HOH A O     1 
HETATM 415 O  O     . HOH D 3 .  ? 0.52385   4.87878   8.40174   1.000 27.08500 ? 278 HOH A O     1 
HETATM 416 O  O     . HOH D 3 .  ? -1.45504  -1.17996  -5.23562  1.000 27.87149 ? 279 HOH A O     1 
HETATM 417 O  O     . HOH D 3 .  ? -0.31268  1.60547   -9.61393  1.000 30.54603 ? 280 HOH A O     1 
HETATM 418 O  O     . HOH D 3 .  ? -4.94684  2.60833   0.49155   1.000 22.16920 ? 281 HOH A O     1 
HETATM 419 O  O     . HOH D 3 .  ? -7.06825  -19.92349 -10.75187 1.000 31.31474 ? 282 HOH A O     1 
HETATM 420 O  O     . HOH D 3 .  ? 3.46834   4.29087   9.86749   1.000 34.51362 ? 283 HOH A O     1 
HETATM 421 O  O     . HOH D 3 .  ? 7.29296   4.60266   20.51122  1.000 24.49538 ? 284 HOH A O     1 
HETATM 422 O  O     . HOH D 3 .  ? 9.26640   1.37696   18.38133  0.330 16.21953 ? 285 HOH A O     1 
HETATM 423 O  O     . HOH D 3 .  ? -4.41270  3.01037   -10.34197 1.000 26.85785 ? 286 HOH A O     1 
HETATM 424 O  O     . HOH D 3 .  ? -2.81155  0.89704   5.43165   1.000 24.92236 ? 287 HOH A O     1 
HETATM 425 O  O     . HOH D 3 .  ? -0.80779  1.46954   3.14968   1.000 27.88391 ? 288 HOH A O     1 
HETATM 426 O  O     . HOH D 3 .  ? 0.00139   -0.32435  7.44169   1.000 34.37909 ? 289 HOH A O     1 
HETATM 427 O  O     . HOH D 3 .  ? -0.19888  1.96987   6.14895   1.000 20.80895 ? 290 HOH A O     1 
HETATM 428 O  O     . HOH D 3 .  ? 3.23844   7.26438   9.03860   1.000 27.55249 ? 291 HOH A O     1 
HETATM 429 O  O     . HOH D 3 .  ? -3.93255  0.41992   1.23267   1.000 24.75890 ? 292 HOH A O     1 
# 
